data_6C3C
#
_entry.id   6C3C
#
_cell.length_a   79.150
_cell.length_b   112.610
_cell.length_c   101.610
_cell.angle_alpha   90.000
_cell.angle_beta   95.980
_cell.angle_gamma   90.000
#
_symmetry.space_group_name_H-M   'C 1 2 1'
#
loop_
_entity.id
_entity.type
_entity.pdbx_description
1 polymer 'Uncharacterized protein'
2 non-polymer 1,2-ETHANEDIOL
3 non-polymer DI(HYDROXYETHYL)ETHER
4 non-polymer '(2E)-5-carbamimidamido-2-{[(Z)-{3-hydroxy-2-methyl-5-[(phosphonooxy)methyl]pyridin-4(1H)-ylidene}methyl]imino}pentanoic acid'
5 water water
#
_entity_poly.entity_id   1
_entity_poly.type   'polypeptide(L)'
_entity_poly.pdbx_seq_one_letter_code
;MGSSHHHHHHSSGLVPRGSHMHPQATPAPGAPLLDLTQHEIQALTMKYNLADAHTHQRQSASQQSIVSRLPQLWYEAEEG
LQATYEKRFTEAFFQLHRQPTALVKNKTMLSYAASISTMVAGMFLKKERLAVTLIEPCFDNLYDVLANMDVPLYPIDESV
FYDVDRIYPELERRVRTDALFLVDPNNPTGFSLLRHGRKGFEEVVRFCKDHDKLLLIDFCFASFTLFEPELARFDMYELL
ENSGVRYLAIEDTGKTWPVQDAKCALITASDDIWETVYNLHTSVLLNVSPFVLNMLTQYVRDSAADRLASVREVLTRNRE
CARKTLDGSILEYQEPVVKVSVAWFRVDHPELTATDVHRLLSADGVYVLPGRYFYWSEPSKGDAYVRMALAREPEMFADA
MALTRQVLDRHGR
;
_entity_poly.pdbx_strand_id   A,B
#
loop_
_chem_comp.id
_chem_comp.type
_chem_comp.name
_chem_comp.formula
EDO non-polymer 1,2-ETHANEDIOL 'C2 H6 O2'
EJ1 non-polymer '(2E)-5-carbamimidamido-2-{[(Z)-{3-hydroxy-2-methyl-5-[(phosphonooxy)methyl]pyridin-4(1H)-ylidene}methyl]imino}pentanoic acid' 'C14 H22 N5 O7 P'
PEG non-polymer DI(HYDROXYETHYL)ETHER 'C4 H10 O3'
#
# COMPACT_ATOMS: atom_id res chain seq x y z
N MET A 46 -12.83 -5.42 30.22
CA MET A 46 -13.14 -5.62 28.81
C MET A 46 -13.24 -4.30 28.08
N LYS A 47 -12.57 -4.20 26.93
CA LYS A 47 -12.58 -2.99 26.13
C LYS A 47 -13.47 -3.19 24.91
N TYR A 48 -14.08 -2.09 24.45
CA TYR A 48 -15.00 -2.12 23.32
C TYR A 48 -14.52 -1.06 22.33
N ASN A 49 -13.89 -1.52 21.25
CA ASN A 49 -13.39 -0.62 20.21
C ASN A 49 -14.52 -0.36 19.22
N LEU A 50 -15.17 0.79 19.37
CA LEU A 50 -16.13 1.28 18.39
C LEU A 50 -15.58 2.48 17.64
N ALA A 51 -14.26 2.54 17.50
CA ALA A 51 -13.59 3.71 16.94
C ALA A 51 -13.41 3.56 15.44
N ASP A 52 -12.41 2.79 15.00
CA ASP A 52 -12.14 2.72 13.58
C ASP A 52 -13.24 1.95 12.86
N ALA A 53 -13.47 2.32 11.61
CA ALA A 53 -14.56 1.75 10.83
C ALA A 53 -14.21 0.42 10.18
N HIS A 54 -13.03 -0.13 10.44
CA HIS A 54 -12.64 -1.37 9.80
C HIS A 54 -13.60 -2.49 10.17
N THR A 55 -13.69 -3.49 9.31
CA THR A 55 -14.59 -4.60 9.54
C THR A 55 -13.99 -5.56 10.55
N HIS A 56 -14.73 -5.82 11.64
CA HIS A 56 -14.30 -6.77 12.66
C HIS A 56 -15.36 -7.80 12.98
N GLN A 57 -16.47 -7.83 12.25
CA GLN A 57 -17.44 -8.90 12.41
C GLN A 57 -16.87 -10.21 11.88
N ARG A 58 -17.48 -11.33 12.29
CA ARG A 58 -17.03 -12.64 11.87
C ARG A 58 -17.59 -12.99 10.49
N GLN A 59 -17.18 -14.15 9.99
CA GLN A 59 -17.62 -14.63 8.68
C GLN A 59 -19.02 -15.21 8.76
N SER A 60 -19.80 -14.99 7.69
CA SER A 60 -21.04 -15.73 7.49
C SER A 60 -20.72 -17.19 7.17
N ALA A 61 -21.77 -18.04 7.16
CA ALA A 61 -21.57 -19.45 6.84
C ALA A 61 -20.94 -19.64 5.46
N SER A 62 -21.46 -18.92 4.46
CA SER A 62 -20.88 -19.07 3.13
C SER A 62 -19.50 -18.44 3.05
N GLN A 63 -19.23 -17.41 3.87
CA GLN A 63 -17.88 -16.85 3.88
C GLN A 63 -16.89 -17.79 4.54
N GLN A 64 -17.33 -18.56 5.55
CA GLN A 64 -16.46 -19.59 6.11
C GLN A 64 -16.09 -20.64 5.06
N SER A 65 -16.94 -20.82 4.05
CA SER A 65 -16.58 -21.69 2.93
C SER A 65 -15.44 -21.08 2.10
N ILE A 66 -15.43 -19.76 1.92
CA ILE A 66 -14.30 -19.12 1.26
C ILE A 66 -13.02 -19.36 2.04
N VAL A 67 -13.08 -19.13 3.36
CA VAL A 67 -11.91 -19.34 4.21
C VAL A 67 -11.38 -20.76 4.03
N SER A 68 -12.29 -21.74 4.00
CA SER A 68 -11.86 -23.12 3.85
C SER A 68 -11.11 -23.40 2.55
N ARG A 69 -11.30 -22.60 1.50
CA ARG A 69 -10.59 -22.88 0.25
C ARG A 69 -9.44 -21.91 0.02
N LEU A 70 -9.02 -21.19 1.04
CA LEU A 70 -7.84 -20.34 0.91
C LEU A 70 -6.62 -21.08 0.36
N PRO A 71 -6.34 -22.34 0.75
CA PRO A 71 -5.20 -23.04 0.12
C PRO A 71 -5.34 -23.20 -1.38
N GLN A 72 -6.53 -23.58 -1.87
CA GLN A 72 -6.75 -23.67 -3.31
C GLN A 72 -6.69 -22.32 -3.98
N LEU A 73 -7.21 -21.28 -3.31
CA LEU A 73 -7.14 -19.93 -3.87
C LEU A 73 -5.68 -19.51 -4.03
N TRP A 74 -4.84 -19.91 -3.08
CA TRP A 74 -3.40 -19.66 -3.17
C TRP A 74 -2.78 -20.38 -4.36
N TYR A 75 -2.99 -21.69 -4.44
CA TYR A 75 -2.32 -22.45 -5.49
C TYR A 75 -2.84 -22.08 -6.87
N GLU A 76 -4.13 -21.72 -6.98
CA GLU A 76 -4.68 -21.24 -8.24
C GLU A 76 -3.96 -19.98 -8.70
N ALA A 77 -3.80 -19.02 -7.79
CA ALA A 77 -3.13 -17.76 -8.15
C ALA A 77 -1.68 -17.99 -8.52
N GLU A 78 -1.05 -19.02 -7.95
CA GLU A 78 0.32 -19.36 -8.32
C GLU A 78 0.42 -19.82 -9.76
N GLU A 79 -0.51 -20.66 -10.19
CA GLU A 79 -0.46 -21.25 -11.52
C GLU A 79 -0.99 -20.32 -12.60
N GLY A 80 -1.89 -19.41 -12.26
CA GLY A 80 -2.54 -18.56 -13.24
C GLY A 80 -1.78 -17.26 -13.47
N LEU A 81 -2.31 -16.48 -14.41
CA LEU A 81 -1.68 -15.22 -14.81
C LEU A 81 -2.22 -14.07 -13.96
N GLN A 82 -1.32 -13.15 -13.61
CA GLN A 82 -1.72 -11.97 -12.84
C GLN A 82 -2.89 -11.27 -13.50
N ALA A 83 -2.82 -11.08 -14.82
CA ALA A 83 -3.86 -10.33 -15.51
C ALA A 83 -5.21 -11.02 -15.40
N THR A 84 -5.22 -12.36 -15.38
CA THR A 84 -6.47 -13.10 -15.22
C THR A 84 -7.17 -12.73 -13.91
N TYR A 85 -6.43 -12.69 -12.81
CA TYR A 85 -7.04 -12.38 -11.52
C TYR A 85 -7.42 -10.92 -11.43
N GLU A 86 -6.66 -10.03 -12.08
CA GLU A 86 -7.07 -8.63 -12.13
C GLU A 86 -8.40 -8.49 -12.87
N LYS A 87 -8.52 -9.16 -14.01
CA LYS A 87 -9.72 -9.07 -14.82
C LYS A 87 -10.92 -9.67 -14.09
N ARG A 88 -10.76 -10.87 -13.54
CA ARG A 88 -11.88 -11.50 -12.86
C ARG A 88 -12.35 -10.68 -11.68
N PHE A 89 -11.41 -10.07 -10.93
CA PHE A 89 -11.82 -9.26 -9.78
C PHE A 89 -12.55 -8.01 -10.24
N THR A 90 -11.97 -7.30 -11.21
CA THR A 90 -12.56 -6.06 -11.69
C THR A 90 -13.94 -6.29 -12.27
N GLU A 91 -14.09 -7.39 -13.03
CA GLU A 91 -15.39 -7.75 -13.58
C GLU A 91 -16.40 -8.05 -12.49
N ALA A 92 -16.02 -8.87 -11.50
CA ALA A 92 -16.95 -9.20 -10.42
C ALA A 92 -17.35 -7.95 -9.66
N PHE A 93 -16.39 -7.09 -9.35
CA PHE A 93 -16.65 -5.88 -8.58
C PHE A 93 -17.63 -4.97 -9.28
N PHE A 94 -17.37 -4.66 -10.55
CA PHE A 94 -18.23 -3.69 -11.22
C PHE A 94 -19.53 -4.32 -11.71
N GLN A 95 -19.61 -5.65 -11.79
CA GLN A 95 -20.90 -6.30 -11.99
C GLN A 95 -21.76 -6.17 -10.74
N LEU A 96 -21.19 -6.42 -9.57
CA LEU A 96 -21.94 -6.26 -8.32
C LEU A 96 -22.41 -4.82 -8.15
N HIS A 97 -21.53 -3.86 -8.40
CA HIS A 97 -21.84 -2.45 -8.21
C HIS A 97 -22.64 -1.87 -9.37
N ARG A 98 -22.88 -2.64 -10.43
CA ARG A 98 -23.67 -2.24 -11.59
C ARG A 98 -23.10 -0.99 -12.25
N GLN A 99 -21.81 -1.06 -12.57
CA GLN A 99 -21.08 0.01 -13.28
C GLN A 99 -20.56 -0.50 -14.62
N PRO A 100 -21.45 -0.88 -15.55
CA PRO A 100 -20.93 -1.55 -16.77
C PRO A 100 -20.02 -0.67 -17.61
N THR A 101 -20.19 0.66 -17.59
CA THR A 101 -19.30 1.52 -18.35
C THR A 101 -17.84 1.38 -17.92
N ALA A 102 -17.60 1.14 -16.63
CA ALA A 102 -16.22 0.96 -16.19
C ALA A 102 -15.60 -0.27 -16.82
N LEU A 103 -16.40 -1.31 -17.08
CA LEU A 103 -15.86 -2.51 -17.70
C LEU A 103 -15.66 -2.34 -19.20
N VAL A 104 -16.45 -1.49 -19.85
CA VAL A 104 -16.22 -1.23 -21.28
C VAL A 104 -14.92 -0.45 -21.45
N LYS A 105 -14.72 0.61 -20.63
CA LYS A 105 -13.51 1.41 -20.75
C LYS A 105 -12.26 0.61 -20.36
N ASN A 106 -12.39 -0.27 -19.37
CA ASN A 106 -11.33 -1.21 -18.96
C ASN A 106 -10.00 -0.49 -18.74
N LYS A 107 -10.03 0.54 -17.90
CA LYS A 107 -8.86 1.37 -17.63
C LYS A 107 -8.63 1.56 -16.14
N THR A 108 -9.23 0.71 -15.31
CA THR A 108 -9.18 0.84 -13.86
C THR A 108 -7.91 0.19 -13.31
N MET A 109 -7.27 0.84 -12.34
CA MET A 109 -6.04 0.29 -11.78
CA MET A 109 -6.02 0.35 -11.76
C MET A 109 -6.23 -0.05 -10.31
N LEU A 110 -5.54 -1.11 -9.89
CA LEU A 110 -5.73 -1.72 -8.58
C LEU A 110 -4.57 -1.43 -7.64
N SER A 111 -4.89 -1.14 -6.38
CA SER A 111 -3.84 -0.88 -5.37
C SER A 111 -4.20 -1.55 -4.04
N TYR A 112 -3.26 -1.45 -3.09
CA TYR A 112 -3.39 -2.14 -1.81
C TYR A 112 -4.55 -1.62 -0.97
N ALA A 113 -4.92 -0.35 -1.16
CA ALA A 113 -5.89 0.26 -0.26
C ALA A 113 -6.29 1.60 -0.81
N ALA A 114 -7.46 2.08 -0.37
CA ALA A 114 -7.98 3.34 -0.91
C ALA A 114 -7.05 4.51 -0.61
N SER A 115 -6.38 4.49 0.53
CA SER A 115 -5.43 5.57 0.82
C SER A 115 -4.27 5.56 -0.17
N ILE A 116 -3.89 4.39 -0.70
CA ILE A 116 -2.83 4.36 -1.69
C ILE A 116 -3.30 4.96 -3.01
N SER A 117 -4.50 4.57 -3.45
CA SER A 117 -5.14 5.24 -4.59
C SER A 117 -5.19 6.75 -4.37
N THR A 118 -5.53 7.18 -3.14
CA THR A 118 -5.59 8.61 -2.83
C THR A 118 -4.21 9.26 -2.97
N MET A 119 -3.14 8.53 -2.61
CA MET A 119 -1.80 9.11 -2.75
C MET A 119 -1.40 9.24 -4.20
N VAL A 120 -1.84 8.31 -5.06
CA VAL A 120 -1.65 8.49 -6.51
C VAL A 120 -2.37 9.75 -6.97
N ALA A 121 -3.62 9.93 -6.53
CA ALA A 121 -4.32 11.18 -6.85
C ALA A 121 -3.57 12.39 -6.32
N GLY A 122 -3.01 12.28 -5.12
CA GLY A 122 -2.20 13.36 -4.56
C GLY A 122 -1.01 13.73 -5.42
N MET A 123 -0.32 12.72 -5.98
CA MET A 123 0.78 13.03 -6.88
C MET A 123 0.30 13.77 -8.13
N PHE A 124 -0.87 13.40 -8.66
CA PHE A 124 -1.41 14.10 -9.81
C PHE A 124 -1.77 15.54 -9.45
N LEU A 125 -2.42 15.75 -8.30
CA LEU A 125 -2.76 17.09 -7.84
C LEU A 125 -1.52 17.96 -7.72
N LYS A 126 -0.45 17.42 -7.13
CA LYS A 126 0.77 18.22 -6.97
C LYS A 126 1.42 18.50 -8.32
N LYS A 127 1.47 17.50 -9.21
CA LYS A 127 2.10 17.73 -10.52
C LYS A 127 1.40 18.85 -11.28
N GLU A 128 0.08 18.95 -11.13
CA GLU A 128 -0.72 19.92 -11.87
C GLU A 128 -0.99 21.19 -11.09
N ARG A 129 -0.41 21.32 -9.89
CA ARG A 129 -0.54 22.52 -9.05
C ARG A 129 -2.00 22.80 -8.68
N LEU A 130 -2.74 21.73 -8.40
CA LEU A 130 -4.15 21.81 -8.07
C LEU A 130 -4.33 21.82 -6.55
N ALA A 131 -5.12 22.76 -6.07
CA ALA A 131 -5.62 22.74 -4.70
C ALA A 131 -6.98 22.07 -4.66
N VAL A 132 -7.37 21.61 -3.47
CA VAL A 132 -8.56 20.77 -3.31
C VAL A 132 -9.56 21.48 -2.39
N THR A 133 -10.80 21.55 -2.84
CA THR A 133 -11.92 21.81 -1.95
C THR A 133 -12.49 20.46 -1.51
N LEU A 134 -12.40 20.16 -0.23
CA LEU A 134 -12.72 18.84 0.32
C LEU A 134 -13.96 18.91 1.22
N ILE A 135 -14.81 17.89 1.07
CA ILE A 135 -16.01 17.75 1.89
C ILE A 135 -15.67 17.80 3.38
N GLU A 136 -16.50 18.48 4.15
CA GLU A 136 -16.44 18.52 5.61
C GLU A 136 -17.86 18.41 6.13
N PRO A 137 -18.12 17.57 7.15
CA PRO A 137 -17.19 16.69 7.83
C PRO A 137 -16.78 15.52 6.95
N CYS A 138 -15.65 14.90 7.32
CA CYS A 138 -15.08 13.80 6.57
C CYS A 138 -14.05 13.17 7.49
N PHE A 139 -13.93 11.84 7.44
CA PHE A 139 -12.89 11.17 8.22
C PHE A 139 -11.55 11.86 7.97
N ASP A 140 -10.88 12.26 9.04
CA ASP A 140 -9.82 13.25 8.83
C ASP A 140 -8.54 12.64 8.26
N ASN A 141 -8.45 11.33 8.11
CA ASN A 141 -7.26 10.78 7.49
C ASN A 141 -7.15 11.19 6.02
N LEU A 142 -8.27 11.46 5.37
CA LEU A 142 -8.23 11.95 3.99
C LEU A 142 -7.58 13.32 3.93
N TYR A 143 -7.99 14.24 4.82
CA TYR A 143 -7.28 15.50 4.95
C TYR A 143 -5.81 15.29 5.29
N ASP A 144 -5.52 14.40 6.26
CA ASP A 144 -4.15 14.24 6.74
C ASP A 144 -3.22 13.78 5.62
N VAL A 145 -3.63 12.76 4.85
CA VAL A 145 -2.72 12.24 3.84
C VAL A 145 -2.51 13.27 2.73
N LEU A 146 -3.57 13.99 2.33
CA LEU A 146 -3.38 15.02 1.31
C LEU A 146 -2.56 16.19 1.86
N ALA A 147 -2.80 16.59 3.11
CA ALA A 147 -1.99 17.65 3.71
C ALA A 147 -0.54 17.21 3.83
N ASN A 148 -0.32 15.93 4.16
CA ASN A 148 1.04 15.44 4.28
C ASN A 148 1.74 15.38 2.92
N MET A 149 0.97 15.38 1.84
CA MET A 149 1.54 15.54 0.52
CA MET A 149 1.52 15.52 0.50
C MET A 149 1.58 16.99 0.05
N ASP A 150 1.29 17.92 0.96
CA ASP A 150 1.38 19.37 0.71
C ASP A 150 0.39 19.82 -0.37
N VAL A 151 -0.76 19.14 -0.44
CA VAL A 151 -1.87 19.62 -1.26
C VAL A 151 -2.62 20.69 -0.46
N PRO A 152 -2.78 21.91 -0.99
CA PRO A 152 -3.62 22.91 -0.29
C PRO A 152 -5.08 22.46 -0.25
N LEU A 153 -5.69 22.62 0.93
CA LEU A 153 -7.00 22.05 1.21
C LEU A 153 -7.91 23.09 1.84
N TYR A 154 -9.15 23.14 1.38
CA TYR A 154 -10.15 24.11 1.82
C TYR A 154 -11.48 23.38 1.99
N PRO A 155 -12.23 23.64 3.06
CA PRO A 155 -13.45 22.86 3.30
C PRO A 155 -14.63 23.34 2.49
N ILE A 156 -15.57 22.42 2.25
CA ILE A 156 -16.91 22.76 1.82
C ILE A 156 -17.88 21.91 2.64
N ASP A 157 -18.87 22.56 3.25
CA ASP A 157 -19.74 21.83 4.16
C ASP A 157 -20.71 20.95 3.39
N GLU A 158 -20.97 19.77 3.96
CA GLU A 158 -21.91 18.81 3.40
C GLU A 158 -23.27 19.43 3.09
N SER A 159 -23.70 20.43 3.87
CA SER A 159 -25.03 20.99 3.68
C SER A 159 -25.21 21.63 2.30
N VAL A 160 -24.12 21.92 1.60
CA VAL A 160 -24.19 22.46 0.25
C VAL A 160 -24.94 21.51 -0.69
N PHE A 161 -25.02 20.22 -0.33
CA PHE A 161 -25.59 19.21 -1.19
C PHE A 161 -26.99 18.77 -0.76
N TYR A 162 -27.57 19.39 0.26
CA TYR A 162 -28.84 18.90 0.80
C TYR A 162 -30.02 19.23 -0.10
N ASP A 163 -29.98 20.37 -0.79
CA ASP A 163 -31.06 20.85 -1.64
C ASP A 163 -30.58 20.77 -3.09
N VAL A 164 -31.21 19.89 -3.88
CA VAL A 164 -30.69 19.61 -5.21
C VAL A 164 -30.65 20.86 -6.07
N ASP A 165 -31.59 21.78 -5.88
CA ASP A 165 -31.66 22.98 -6.72
C ASP A 165 -30.71 24.06 -6.26
N ARG A 166 -30.02 23.87 -5.14
CA ARG A 166 -29.02 24.82 -4.67
C ARG A 166 -27.59 24.33 -4.88
N ILE A 167 -27.39 23.10 -5.35
CA ILE A 167 -26.05 22.53 -5.46
C ILE A 167 -25.18 23.38 -6.39
N TYR A 168 -25.65 23.60 -7.61
CA TYR A 168 -24.84 24.33 -8.59
C TYR A 168 -24.53 25.75 -8.16
N PRO A 169 -25.50 26.59 -7.75
CA PRO A 169 -25.11 27.95 -7.32
C PRO A 169 -24.23 27.97 -6.10
N GLU A 170 -24.39 27.01 -5.18
CA GLU A 170 -23.53 26.97 -4.01
C GLU A 170 -22.10 26.63 -4.40
N LEU A 171 -21.92 25.71 -5.35
CA LEU A 171 -20.57 25.39 -5.80
C LEU A 171 -19.95 26.58 -6.54
N GLU A 172 -20.75 27.31 -7.34
CA GLU A 172 -20.22 28.49 -8.03
C GLU A 172 -19.75 29.53 -7.03
N ARG A 173 -20.46 29.67 -5.91
CA ARG A 173 -20.11 30.70 -4.93
C ARG A 173 -18.98 30.26 -4.02
N ARG A 174 -18.81 28.96 -3.80
CA ARG A 174 -17.93 28.46 -2.75
C ARG A 174 -16.67 27.77 -3.23
N VAL A 175 -16.70 27.08 -4.37
CA VAL A 175 -15.52 26.32 -4.81
C VAL A 175 -14.59 27.28 -5.53
N ARG A 176 -13.42 27.51 -4.94
CA ARG A 176 -12.45 28.45 -5.50
C ARG A 176 -11.11 27.78 -5.76
N THR A 177 -11.12 26.45 -5.86
CA THR A 177 -9.96 25.66 -6.25
C THR A 177 -10.26 25.00 -7.59
N ASP A 178 -9.24 24.40 -8.19
CA ASP A 178 -9.45 23.73 -9.47
C ASP A 178 -9.82 22.25 -9.30
N ALA A 179 -9.83 21.74 -8.08
CA ALA A 179 -10.25 20.37 -7.83
C ALA A 179 -11.25 20.32 -6.69
N LEU A 180 -12.20 19.38 -6.81
CA LEU A 180 -13.24 19.17 -5.81
C LEU A 180 -13.24 17.71 -5.44
N PHE A 181 -13.14 17.41 -4.14
CA PHE A 181 -13.01 16.05 -3.63
C PHE A 181 -14.21 15.74 -2.75
N LEU A 182 -15.06 14.83 -3.21
CA LEU A 182 -16.23 14.39 -2.46
C LEU A 182 -16.06 12.96 -1.99
N VAL A 183 -16.80 12.61 -0.95
CA VAL A 183 -16.87 11.25 -0.41
C VAL A 183 -18.35 10.90 -0.39
N ASP A 184 -18.75 9.91 -1.20
CA ASP A 184 -20.17 9.64 -1.34
C ASP A 184 -20.43 8.15 -1.48
N PRO A 185 -21.15 7.53 -0.54
CA PRO A 185 -21.75 8.17 0.64
C PRO A 185 -20.70 8.67 1.62
N ASN A 186 -21.05 9.69 2.40
CA ASN A 186 -20.04 10.32 3.23
C ASN A 186 -19.81 9.53 4.52
N ASN A 187 -18.57 9.63 5.00
CA ASN A 187 -18.13 9.13 6.29
C ASN A 187 -17.77 10.39 7.08
N PRO A 188 -18.49 10.76 8.16
CA PRO A 188 -19.29 9.90 9.04
C PRO A 188 -20.80 9.92 8.93
N THR A 189 -21.37 10.74 8.04
CA THR A 189 -22.80 11.06 8.12
C THR A 189 -23.68 10.10 7.34
N GLY A 190 -23.12 9.31 6.43
CA GLY A 190 -23.93 8.53 5.52
C GLY A 190 -24.72 9.35 4.51
N PHE A 191 -24.44 10.64 4.39
CA PHE A 191 -25.11 11.42 3.37
C PHE A 191 -24.74 10.90 1.98
N SER A 192 -25.70 10.96 1.06
CA SER A 192 -25.38 10.68 -0.34
C SER A 192 -26.20 11.57 -1.26
N LEU A 193 -25.53 12.04 -2.32
CA LEU A 193 -26.24 12.68 -3.42
C LEU A 193 -27.32 11.80 -4.02
N LEU A 194 -27.25 10.48 -3.78
CA LEU A 194 -28.28 9.60 -4.32
C LEU A 194 -29.66 9.86 -3.71
N ARG A 195 -29.75 10.64 -2.63
CA ARG A 195 -31.06 11.11 -2.17
C ARG A 195 -31.80 11.86 -3.28
N HIS A 196 -31.07 12.45 -4.21
CA HIS A 196 -31.61 13.21 -5.33
C HIS A 196 -31.75 12.40 -6.60
N GLY A 197 -31.66 11.07 -6.52
CA GLY A 197 -31.68 10.25 -7.72
C GLY A 197 -30.40 10.43 -8.50
N ARG A 198 -30.53 10.76 -9.78
CA ARG A 198 -29.37 11.11 -10.61
C ARG A 198 -28.97 12.57 -10.48
N LYS A 199 -29.91 13.44 -10.11
CA LYS A 199 -29.74 14.86 -10.37
C LYS A 199 -28.66 15.48 -9.49
N GLY A 200 -28.45 14.94 -8.29
CA GLY A 200 -27.43 15.52 -7.42
C GLY A 200 -26.04 15.38 -8.02
N PHE A 201 -25.67 14.15 -8.38
CA PHE A 201 -24.40 13.93 -9.07
C PHE A 201 -24.35 14.67 -10.40
N GLU A 202 -25.46 14.70 -11.13
CA GLU A 202 -25.48 15.42 -12.41
C GLU A 202 -25.17 16.90 -12.22
N GLU A 203 -25.70 17.52 -11.16
CA GLU A 203 -25.42 18.93 -10.93
C GLU A 203 -23.96 19.17 -10.55
N VAL A 204 -23.38 18.26 -9.75
CA VAL A 204 -21.97 18.38 -9.39
C VAL A 204 -21.10 18.25 -10.62
N VAL A 205 -21.41 17.26 -11.48
CA VAL A 205 -20.65 17.06 -12.71
C VAL A 205 -20.83 18.23 -13.64
N ARG A 206 -22.06 18.77 -13.72
CA ARG A 206 -22.31 19.94 -14.56
C ARG A 206 -21.44 21.12 -14.11
N PHE A 207 -21.37 21.36 -12.81
CA PHE A 207 -20.52 22.44 -12.31
C PHE A 207 -19.06 22.20 -12.67
N CYS A 208 -18.56 20.99 -12.43
CA CYS A 208 -17.14 20.75 -12.64
C CYS A 208 -16.78 20.81 -14.11
N LYS A 209 -17.63 20.29 -15.00
N LYS A 209 -17.63 20.27 -14.99
CA LYS A 209 -17.37 20.38 -16.42
CA LYS A 209 -17.39 20.38 -16.42
C LYS A 209 -17.45 21.83 -16.91
C LYS A 209 -17.44 21.83 -16.88
N ASP A 210 -18.48 22.56 -16.45
CA ASP A 210 -18.64 23.96 -16.87
C ASP A 210 -17.43 24.80 -16.50
N HIS A 211 -16.82 24.51 -15.37
CA HIS A 211 -15.76 25.35 -14.81
C HIS A 211 -14.39 24.71 -14.86
N ASP A 212 -14.24 23.63 -15.63
CA ASP A 212 -12.95 22.96 -15.85
C ASP A 212 -12.29 22.56 -14.53
N LYS A 213 -13.07 21.92 -13.67
CA LYS A 213 -12.59 21.42 -12.39
C LYS A 213 -12.34 19.92 -12.47
N LEU A 214 -11.31 19.47 -11.77
CA LEU A 214 -11.11 18.03 -11.55
C LEU A 214 -12.03 17.56 -10.43
N LEU A 215 -12.82 16.53 -10.71
CA LEU A 215 -13.74 15.95 -9.73
C LEU A 215 -13.15 14.65 -9.21
N LEU A 216 -12.83 14.60 -7.92
CA LEU A 216 -12.40 13.38 -7.26
C LEU A 216 -13.55 12.89 -6.39
N ILE A 217 -13.86 11.61 -6.47
CA ILE A 217 -14.91 11.04 -5.63
C ILE A 217 -14.42 9.73 -5.03
N ASP A 218 -14.53 9.64 -3.70
CA ASP A 218 -14.27 8.43 -2.93
C ASP A 218 -15.60 7.71 -2.76
N PHE A 219 -15.74 6.55 -3.40
CA PHE A 219 -16.95 5.72 -3.39
C PHE A 219 -16.85 4.55 -2.42
N CYS A 220 -15.97 4.64 -1.42
CA CYS A 220 -15.71 3.46 -0.61
CA CYS A 220 -15.69 3.50 -0.53
C CYS A 220 -16.96 2.95 0.11
N PHE A 221 -17.91 3.82 0.44
CA PHE A 221 -19.15 3.39 1.09
C PHE A 221 -20.27 3.07 0.11
N ALA A 222 -20.00 3.04 -1.20
CA ALA A 222 -21.10 2.90 -2.17
C ALA A 222 -21.75 1.53 -2.13
N SER A 223 -21.04 0.51 -1.65
CA SER A 223 -21.64 -0.81 -1.51
C SER A 223 -22.90 -0.80 -0.66
N PHE A 224 -22.98 0.13 0.31
CA PHE A 224 -24.12 0.18 1.21
C PHE A 224 -25.36 0.78 0.55
N THR A 225 -25.24 1.29 -0.67
CA THR A 225 -26.41 1.67 -1.45
C THR A 225 -26.98 0.51 -2.26
N LEU A 226 -26.22 -0.56 -2.45
CA LEU A 226 -26.62 -1.55 -3.43
C LEU A 226 -27.87 -2.30 -2.98
N PHE A 227 -28.72 -2.63 -3.96
CA PHE A 227 -29.99 -3.34 -3.75
C PHE A 227 -31.01 -2.52 -2.96
N GLU A 228 -30.73 -1.26 -2.68
CA GLU A 228 -31.70 -0.36 -2.07
C GLU A 228 -32.74 0.08 -3.10
N PRO A 229 -34.04 0.02 -2.78
CA PRO A 229 -35.05 0.34 -3.81
C PRO A 229 -34.94 1.75 -4.36
N GLU A 230 -34.65 2.73 -3.51
CA GLU A 230 -34.62 4.12 -3.94
C GLU A 230 -33.21 4.67 -4.10
N LEU A 231 -32.22 4.06 -3.45
CA LEU A 231 -30.90 4.65 -3.34
C LEU A 231 -29.81 3.93 -4.12
N ALA A 232 -30.11 2.78 -4.74
CA ALA A 232 -29.05 1.99 -5.37
C ALA A 232 -28.33 2.83 -6.42
N ARG A 233 -26.99 2.84 -6.33
CA ARG A 233 -26.23 3.71 -7.20
C ARG A 233 -26.48 3.36 -8.66
N PHE A 234 -26.56 4.39 -9.50
CA PHE A 234 -26.63 4.22 -10.94
C PHE A 234 -25.20 4.09 -11.47
N ASP A 235 -25.05 3.96 -12.78
CA ASP A 235 -23.74 3.80 -13.42
C ASP A 235 -23.07 5.17 -13.44
N MET A 236 -22.19 5.41 -12.45
CA MET A 236 -21.56 6.72 -12.34
C MET A 236 -20.57 6.95 -13.48
N TYR A 237 -19.98 5.87 -14.02
CA TYR A 237 -18.94 6.02 -15.02
C TYR A 237 -19.53 6.41 -16.36
N GLU A 238 -20.77 5.99 -16.62
CA GLU A 238 -21.51 6.49 -17.78
C GLU A 238 -21.66 8.01 -17.72
N LEU A 239 -22.05 8.55 -16.56
CA LEU A 239 -22.18 10.00 -16.43
C LEU A 239 -20.81 10.68 -16.52
N LEU A 240 -19.80 10.13 -15.83
CA LEU A 240 -18.49 10.76 -15.84
C LEU A 240 -17.90 10.77 -17.25
N GLU A 241 -18.00 9.65 -17.96
CA GLU A 241 -17.49 9.58 -19.32
C GLU A 241 -18.28 10.48 -20.26
N ASN A 242 -19.62 10.40 -20.20
CA ASN A 242 -20.44 11.17 -21.14
C ASN A 242 -20.19 12.66 -20.99
N SER A 243 -20.00 13.13 -19.76
CA SER A 243 -19.85 14.55 -19.50
C SER A 243 -18.53 15.10 -19.99
N GLY A 244 -17.51 14.25 -20.14
CA GLY A 244 -16.17 14.73 -20.43
C GLY A 244 -15.47 15.41 -19.27
N VAL A 245 -16.02 15.32 -18.07
CA VAL A 245 -15.38 15.94 -16.91
C VAL A 245 -14.05 15.25 -16.63
N ARG A 246 -13.07 16.03 -16.19
CA ARG A 246 -11.84 15.45 -15.68
C ARG A 246 -12.12 14.86 -14.31
N TYR A 247 -11.74 13.59 -14.09
CA TYR A 247 -12.15 12.92 -12.87
C TYR A 247 -11.17 11.86 -12.43
N LEU A 248 -11.21 11.59 -11.12
CA LEU A 248 -10.57 10.45 -10.49
C LEU A 248 -11.59 9.82 -9.54
N ALA A 249 -11.90 8.55 -9.76
CA ALA A 249 -12.91 7.83 -8.99
C ALA A 249 -12.25 6.69 -8.25
N ILE A 250 -12.44 6.63 -6.93
CA ILE A 250 -11.83 5.60 -6.09
C ILE A 250 -12.93 4.69 -5.52
N GLU A 251 -12.76 3.38 -5.70
CA GLU A 251 -13.64 2.35 -5.14
C GLU A 251 -12.84 1.48 -4.19
N ASP A 252 -13.56 0.76 -3.31
CA ASP A 252 -12.87 0.01 -2.26
C ASP A 252 -13.62 -1.27 -1.93
N THR A 253 -12.88 -2.25 -1.41
CA THR A 253 -13.44 -3.47 -0.85
C THR A 253 -13.36 -3.53 0.67
N GLY A 254 -12.42 -2.78 1.28
CA GLY A 254 -12.04 -3.07 2.65
C GLY A 254 -13.10 -2.74 3.68
N LYS A 255 -13.98 -1.79 3.40
CA LYS A 255 -15.00 -1.45 4.36
C LYS A 255 -16.28 -2.25 4.20
N THR A 256 -16.42 -3.01 3.11
CA THR A 256 -17.62 -3.77 2.83
C THR A 256 -17.56 -5.17 3.43
N TRP A 257 -16.45 -5.88 3.21
CA TRP A 257 -16.34 -7.28 3.55
C TRP A 257 -15.39 -7.50 4.73
N PRO A 258 -15.62 -8.56 5.52
CA PRO A 258 -14.73 -8.88 6.64
C PRO A 258 -13.50 -9.64 6.15
N VAL A 259 -12.61 -8.93 5.46
CA VAL A 259 -11.44 -9.54 4.85
C VAL A 259 -10.16 -9.19 5.63
N GLN A 260 -10.31 -8.72 6.87
CA GLN A 260 -9.17 -8.44 7.74
C GLN A 260 -8.14 -7.53 7.08
N ASP A 261 -8.62 -6.55 6.31
CA ASP A 261 -7.77 -5.56 5.64
C ASP A 261 -6.81 -6.17 4.62
N ALA A 262 -7.06 -7.41 4.18
CA ALA A 262 -6.40 -7.99 3.01
C ALA A 262 -7.29 -7.61 1.83
N LYS A 263 -7.02 -6.47 1.22
CA LYS A 263 -8.04 -5.76 0.46
C LYS A 263 -7.45 -5.22 -0.84
N CYS A 264 -8.31 -4.52 -1.60
CA CYS A 264 -7.94 -3.94 -2.88
C CYS A 264 -8.80 -2.71 -3.11
N ALA A 265 -8.17 -1.64 -3.58
CA ALA A 265 -8.89 -0.46 -4.02
C ALA A 265 -8.70 -0.27 -5.51
N LEU A 266 -9.62 0.48 -6.12
CA LEU A 266 -9.64 0.68 -7.55
C LEU A 266 -9.67 2.16 -7.83
N ILE A 267 -8.90 2.61 -8.82
CA ILE A 267 -8.98 4.02 -9.25
C ILE A 267 -9.17 4.05 -10.76
N THR A 268 -10.01 4.97 -11.20
CA THR A 268 -10.32 5.17 -12.62
C THR A 268 -10.20 6.65 -12.92
N ALA A 269 -9.54 6.97 -14.04
CA ALA A 269 -9.29 8.34 -14.44
C ALA A 269 -9.94 8.63 -15.78
N SER A 270 -10.33 9.89 -15.98
CA SER A 270 -10.81 10.30 -17.29
C SER A 270 -9.72 10.11 -18.34
N ASP A 271 -10.16 9.98 -19.61
CA ASP A 271 -9.23 9.62 -20.68
C ASP A 271 -8.12 10.65 -20.84
N ASP A 272 -8.40 11.93 -20.59
CA ASP A 272 -7.43 12.98 -20.86
C ASP A 272 -6.26 12.95 -19.88
N ILE A 273 -6.43 12.36 -18.70
CA ILE A 273 -5.35 12.26 -17.72
C ILE A 273 -4.94 10.82 -17.48
N TRP A 274 -5.54 9.86 -18.19
CA TRP A 274 -5.31 8.46 -17.91
C TRP A 274 -3.83 8.08 -17.99
N GLU A 275 -3.13 8.54 -19.04
CA GLU A 275 -1.74 8.13 -19.22
C GLU A 275 -0.86 8.64 -18.08
N THR A 276 -1.01 9.91 -17.71
CA THR A 276 -0.22 10.45 -16.60
C THR A 276 -0.50 9.66 -15.33
N VAL A 277 -1.77 9.40 -15.04
CA VAL A 277 -2.13 8.71 -13.81
C VAL A 277 -1.66 7.26 -13.85
N TYR A 278 -1.72 6.63 -15.03
CA TYR A 278 -1.16 5.29 -15.19
C TYR A 278 0.30 5.25 -14.77
N ASN A 279 1.10 6.21 -15.25
CA ASN A 279 2.52 6.17 -14.95
C ASN A 279 2.79 6.48 -13.47
N LEU A 280 2.00 7.39 -12.87
CA LEU A 280 2.10 7.61 -11.44
C LEU A 280 1.81 6.34 -10.66
N HIS A 281 0.72 5.66 -11.05
CA HIS A 281 0.29 4.46 -10.35
C HIS A 281 1.33 3.36 -10.45
N THR A 282 1.92 3.17 -11.64
CA THR A 282 2.88 2.08 -11.80
C THR A 282 4.16 2.33 -11.02
N SER A 283 4.45 3.58 -10.65
CA SER A 283 5.62 3.83 -9.80
C SER A 283 5.37 3.41 -8.36
N VAL A 284 4.12 3.25 -7.95
CA VAL A 284 3.79 2.85 -6.59
C VAL A 284 3.83 1.33 -6.44
N LEU A 285 3.31 0.59 -7.42
CA LEU A 285 3.27 -0.86 -7.31
C LEU A 285 3.10 -1.45 -8.69
N LEU A 286 3.64 -2.65 -8.88
CA LEU A 286 3.46 -3.38 -10.13
C LEU A 286 2.14 -4.12 -10.16
N ASN A 287 1.71 -4.65 -9.02
CA ASN A 287 0.53 -5.51 -8.98
C ASN A 287 0.08 -5.66 -7.54
N VAL A 288 -1.22 -5.89 -7.38
CA VAL A 288 -1.76 -6.41 -6.14
C VAL A 288 -1.62 -7.94 -6.15
N SER A 289 -1.45 -8.53 -4.98
CA SER A 289 -1.33 -9.98 -4.84
C SER A 289 -2.45 -10.70 -5.60
N PRO A 290 -2.12 -11.63 -6.50
CA PRO A 290 -3.18 -12.39 -7.17
C PRO A 290 -3.92 -13.32 -6.23
N PHE A 291 -3.26 -13.73 -5.13
CA PHE A 291 -3.96 -14.48 -4.09
C PHE A 291 -5.06 -13.63 -3.46
N VAL A 292 -4.73 -12.40 -3.06
CA VAL A 292 -5.73 -11.53 -2.48
C VAL A 292 -6.85 -11.24 -3.48
N LEU A 293 -6.49 -10.97 -4.74
CA LEU A 293 -7.51 -10.72 -5.76
C LEU A 293 -8.43 -11.92 -5.92
N ASN A 294 -7.85 -13.12 -5.97
CA ASN A 294 -8.65 -14.34 -6.10
C ASN A 294 -9.61 -14.48 -4.92
N MET A 295 -9.11 -14.29 -3.70
CA MET A 295 -9.95 -14.34 -2.51
C MET A 295 -11.05 -13.28 -2.55
N LEU A 296 -10.70 -12.03 -2.87
CA LEU A 296 -11.72 -10.98 -2.86
C LEU A 296 -12.81 -11.27 -3.89
N THR A 297 -12.43 -11.83 -5.03
CA THR A 297 -13.42 -12.19 -6.04
C THR A 297 -14.45 -13.15 -5.47
N GLN A 298 -14.03 -14.07 -4.59
CA GLN A 298 -15.00 -14.96 -3.95
C GLN A 298 -15.98 -14.20 -3.07
N TYR A 299 -15.49 -13.22 -2.29
CA TYR A 299 -16.37 -12.42 -1.44
C TYR A 299 -17.36 -11.62 -2.28
N VAL A 300 -16.90 -11.04 -3.39
CA VAL A 300 -17.79 -10.28 -4.25
C VAL A 300 -18.88 -11.17 -4.83
N ARG A 301 -18.47 -12.33 -5.36
CA ARG A 301 -19.44 -13.27 -5.93
C ARG A 301 -20.40 -13.77 -4.86
N ASP A 302 -19.88 -14.02 -3.66
CA ASP A 302 -20.74 -14.46 -2.56
C ASP A 302 -21.81 -13.43 -2.25
N SER A 303 -21.44 -12.15 -2.29
CA SER A 303 -22.41 -11.10 -1.97
C SER A 303 -23.36 -10.81 -3.12
N ALA A 304 -22.96 -11.06 -4.37
CA ALA A 304 -23.93 -11.02 -5.46
C ALA A 304 -25.01 -12.07 -5.23
N ALA A 305 -24.61 -13.23 -4.71
CA ALA A 305 -25.55 -14.33 -4.56
C ALA A 305 -26.56 -14.08 -3.45
N ASP A 306 -26.17 -13.39 -2.38
CA ASP A 306 -27.09 -13.11 -1.30
C ASP A 306 -27.54 -11.66 -1.26
N ARG A 307 -27.28 -10.90 -2.34
CA ARG A 307 -27.66 -9.49 -2.43
C ARG A 307 -27.18 -8.70 -1.21
N LEU A 308 -25.94 -8.96 -0.79
CA LEU A 308 -25.26 -8.31 0.33
C LEU A 308 -25.98 -8.50 1.66
N ALA A 309 -26.79 -9.55 1.80
CA ALA A 309 -27.53 -9.75 3.05
C ALA A 309 -26.60 -9.91 4.25
N SER A 310 -25.52 -10.67 4.10
CA SER A 310 -24.69 -10.94 5.28
C SER A 310 -23.98 -9.68 5.76
N VAL A 311 -23.72 -8.73 4.85
CA VAL A 311 -23.17 -7.45 5.26
C VAL A 311 -24.25 -6.57 5.89
N ARG A 312 -25.37 -6.42 5.18
CA ARG A 312 -26.42 -5.50 5.61
C ARG A 312 -27.03 -5.90 6.94
N GLU A 313 -27.22 -7.21 7.15
CA GLU A 313 -27.90 -7.67 8.36
C GLU A 313 -27.08 -7.37 9.62
N VAL A 314 -25.76 -7.50 9.55
CA VAL A 314 -24.93 -7.21 10.71
C VAL A 314 -25.00 -5.73 11.04
N LEU A 315 -24.89 -4.87 10.03
CA LEU A 315 -24.91 -3.44 10.30
C LEU A 315 -26.28 -3.00 10.81
N THR A 316 -27.35 -3.61 10.28
CA THR A 316 -28.70 -3.26 10.71
C THR A 316 -28.92 -3.65 12.16
N ARG A 317 -28.49 -4.85 12.55
CA ARG A 317 -28.63 -5.29 13.94
C ARG A 317 -27.96 -4.31 14.89
N ASN A 318 -26.75 -3.85 14.54
CA ASN A 318 -26.04 -2.94 15.43
C ASN A 318 -26.61 -1.53 15.35
N ARG A 319 -26.96 -1.07 14.14
CA ARG A 319 -27.58 0.24 14.00
C ARG A 319 -28.87 0.34 14.82
N GLU A 320 -29.71 -0.70 14.72
CA GLU A 320 -30.96 -0.69 15.47
C GLU A 320 -30.71 -0.80 16.98
N CYS A 321 -29.71 -1.59 17.38
CA CYS A 321 -29.39 -1.69 18.80
C CYS A 321 -28.91 -0.35 19.35
N ALA A 322 -28.05 0.35 18.62
CA ALA A 322 -27.61 1.67 19.04
C ALA A 322 -28.79 2.65 19.08
N ARG A 323 -29.67 2.60 18.08
CA ARG A 323 -30.78 3.54 18.02
C ARG A 323 -31.70 3.37 19.22
N LYS A 324 -32.08 2.12 19.50
CA LYS A 324 -32.99 1.84 20.61
C LYS A 324 -32.34 2.16 21.95
N THR A 325 -31.08 1.73 22.13
CA THR A 325 -30.42 1.89 23.42
C THR A 325 -30.19 3.36 23.76
N LEU A 326 -29.89 4.18 22.76
CA LEU A 326 -29.53 5.57 23.00
C LEU A 326 -30.68 6.55 22.75
N ASP A 327 -31.85 6.04 22.37
CA ASP A 327 -33.02 6.89 22.19
C ASP A 327 -33.34 7.64 23.49
N GLY A 328 -33.44 8.96 23.40
CA GLY A 328 -33.69 9.79 24.56
C GLY A 328 -32.48 10.12 25.40
N SER A 329 -31.32 9.52 25.10
CA SER A 329 -30.12 9.81 25.85
C SER A 329 -29.47 11.11 25.36
N ILE A 330 -28.34 11.47 25.96
CA ILE A 330 -27.65 12.69 25.56
C ILE A 330 -26.92 12.54 24.22
N LEU A 331 -26.89 11.34 23.66
CA LEU A 331 -26.37 11.12 22.31
C LEU A 331 -27.57 10.97 21.38
N GLU A 332 -27.74 11.95 20.48
CA GLU A 332 -28.90 12.04 19.61
C GLU A 332 -28.52 11.47 18.23
N TYR A 333 -29.14 10.34 17.89
CA TYR A 333 -28.86 9.64 16.64
C TYR A 333 -29.22 10.50 15.44
N GLN A 334 -28.30 10.61 14.48
CA GLN A 334 -28.53 11.36 13.25
C GLN A 334 -28.80 10.39 12.11
N GLU A 335 -30.06 10.27 11.71
CA GLU A 335 -30.42 9.32 10.68
C GLU A 335 -29.64 9.59 9.40
N PRO A 336 -28.98 8.60 8.83
CA PRO A 336 -28.23 8.81 7.58
C PRO A 336 -29.10 8.61 6.36
N VAL A 337 -28.67 9.23 5.26
CA VAL A 337 -29.30 8.92 3.97
C VAL A 337 -29.10 7.46 3.63
N VAL A 338 -27.87 6.97 3.79
CA VAL A 338 -27.46 5.63 3.41
C VAL A 338 -27.07 4.85 4.66
N LYS A 339 -27.49 3.58 4.72
CA LYS A 339 -27.20 2.71 5.86
C LYS A 339 -25.75 2.24 5.81
N VAL A 340 -24.85 3.16 6.14
CA VAL A 340 -23.42 2.87 6.11
C VAL A 340 -22.97 2.19 7.40
N SER A 341 -21.68 1.86 7.46
CA SER A 341 -21.13 1.05 8.55
C SER A 341 -20.68 1.88 9.75
N VAL A 342 -21.12 3.13 9.85
CA VAL A 342 -20.82 3.98 11.00
C VAL A 342 -22.09 4.74 11.36
N ALA A 343 -22.22 5.04 12.64
CA ALA A 343 -23.36 5.80 13.15
C ALA A 343 -22.86 7.12 13.72
N TRP A 344 -23.66 8.17 13.55
CA TRP A 344 -23.29 9.54 13.85
C TRP A 344 -24.28 10.11 14.85
N PHE A 345 -23.78 10.71 15.93
CA PHE A 345 -24.62 11.22 17.01
C PHE A 345 -24.27 12.66 17.32
N ARG A 346 -25.29 13.45 17.67
CA ARG A 346 -25.10 14.79 18.20
C ARG A 346 -25.21 14.76 19.72
N VAL A 347 -24.34 15.49 20.39
CA VAL A 347 -24.36 15.57 21.84
C VAL A 347 -25.42 16.59 22.25
N ASP A 348 -26.42 16.14 23.00
CA ASP A 348 -27.51 16.99 23.48
C ASP A 348 -27.34 17.14 24.99
N HIS A 349 -26.59 18.17 25.40
CA HIS A 349 -26.36 18.41 26.82
C HIS A 349 -26.01 19.87 27.02
N PRO A 350 -26.40 20.50 28.13
CA PRO A 350 -26.09 21.92 28.32
C PRO A 350 -24.62 22.18 28.55
N GLU A 351 -23.88 21.21 29.08
CA GLU A 351 -22.49 21.42 29.49
C GLU A 351 -21.53 20.46 28.80
N LEU A 352 -21.86 19.17 28.75
CA LEU A 352 -20.92 18.18 28.24
C LEU A 352 -20.71 18.34 26.74
N THR A 353 -19.47 18.13 26.31
CA THR A 353 -19.10 18.14 24.90
C THR A 353 -18.77 16.73 24.44
N ALA A 354 -18.41 16.61 23.16
CA ALA A 354 -17.97 15.32 22.64
C ALA A 354 -16.67 14.88 23.27
N THR A 355 -15.78 15.83 23.57
CA THR A 355 -14.57 15.50 24.31
C THR A 355 -14.90 14.90 25.67
N ASP A 356 -15.89 15.46 26.36
CA ASP A 356 -16.32 14.92 27.64
C ASP A 356 -16.90 13.52 27.48
N VAL A 357 -17.74 13.32 26.45
CA VAL A 357 -18.38 12.02 26.26
C VAL A 357 -17.35 10.95 25.93
N HIS A 358 -16.37 11.28 25.08
CA HIS A 358 -15.33 10.32 24.76
C HIS A 358 -14.53 9.94 26.00
N ARG A 359 -14.20 10.93 26.84
CA ARG A 359 -13.46 10.66 28.07
C ARG A 359 -14.26 9.76 29.01
N LEU A 360 -15.52 10.11 29.25
CA LEU A 360 -16.34 9.34 30.19
C LEU A 360 -16.54 7.91 29.70
N LEU A 361 -16.75 7.71 28.40
CA LEU A 361 -16.96 6.36 27.90
C LEU A 361 -15.67 5.56 27.91
N SER A 362 -14.54 6.18 27.54
CA SER A 362 -13.29 5.44 27.51
C SER A 362 -12.84 5.03 28.92
N ALA A 363 -13.20 5.83 29.93
CA ALA A 363 -12.88 5.46 31.31
C ALA A 363 -13.53 4.15 31.70
N ASP A 364 -14.69 3.83 31.10
CA ASP A 364 -15.38 2.59 31.35
C ASP A 364 -15.14 1.56 30.25
N GLY A 365 -14.23 1.82 29.32
CA GLY A 365 -13.81 0.85 28.35
C GLY A 365 -14.51 0.88 27.01
N VAL A 366 -15.33 1.89 26.74
CA VAL A 366 -16.00 2.03 25.44
C VAL A 366 -15.31 3.15 24.68
N TYR A 367 -14.80 2.83 23.49
CA TYR A 367 -14.01 3.75 22.70
C TYR A 367 -14.79 4.16 21.46
N VAL A 368 -15.16 5.44 21.39
CA VAL A 368 -15.79 6.02 20.21
C VAL A 368 -14.89 7.13 19.71
N LEU A 369 -15.27 7.78 18.61
CA LEU A 369 -14.49 8.91 18.11
C LEU A 369 -15.27 10.21 18.24
N PRO A 370 -14.74 11.23 18.93
CA PRO A 370 -15.41 12.53 18.96
C PRO A 370 -15.28 13.24 17.62
N GLY A 371 -16.15 14.24 17.42
CA GLY A 371 -16.29 14.86 16.12
C GLY A 371 -15.10 15.68 15.66
N ARG A 372 -14.15 15.97 16.56
CA ARG A 372 -12.95 16.69 16.15
C ARG A 372 -12.19 15.96 15.04
N TYR A 373 -12.36 14.64 14.96
CA TYR A 373 -11.67 13.83 13.97
C TYR A 373 -12.40 13.83 12.63
N PHE A 374 -13.44 14.65 12.48
CA PHE A 374 -14.17 14.74 11.23
C PHE A 374 -14.38 16.18 10.76
N TYR A 375 -14.29 17.17 11.63
CA TYR A 375 -14.28 18.57 11.21
C TYR A 375 -12.83 19.00 11.12
N TRP A 376 -12.18 18.53 10.05
CA TRP A 376 -10.73 18.58 9.93
C TRP A 376 -10.18 19.98 9.75
N SER A 377 -11.01 20.93 9.27
CA SER A 377 -10.55 22.29 9.06
C SER A 377 -10.66 23.13 10.31
N GLU A 378 -11.48 22.72 11.27
CA GLU A 378 -11.75 23.43 12.50
C GLU A 378 -12.32 22.43 13.50
N PRO A 379 -11.45 21.67 14.19
CA PRO A 379 -11.94 20.56 15.02
C PRO A 379 -12.91 20.98 16.10
N SER A 380 -12.88 22.24 16.55
CA SER A 380 -13.82 22.69 17.57
C SER A 380 -15.27 22.54 17.10
N LYS A 381 -15.51 22.61 15.79
CA LYS A 381 -16.84 22.41 15.26
C LYS A 381 -17.37 21.00 15.51
N GLY A 382 -16.47 20.04 15.71
CA GLY A 382 -16.87 18.68 16.00
C GLY A 382 -17.18 18.37 17.45
N ASP A 383 -17.06 19.35 18.35
CA ASP A 383 -17.28 19.05 19.76
C ASP A 383 -18.74 18.74 20.09
N ALA A 384 -19.64 18.76 19.11
CA ALA A 384 -21.03 18.39 19.32
C ALA A 384 -21.38 17.02 18.75
N TYR A 385 -20.39 16.24 18.30
CA TYR A 385 -20.68 14.99 17.60
C TYR A 385 -19.79 13.86 18.06
N VAL A 386 -20.31 12.64 17.88
CA VAL A 386 -19.58 11.40 18.16
C VAL A 386 -19.90 10.40 17.05
N ARG A 387 -18.88 9.63 16.64
CA ARG A 387 -19.08 8.55 15.68
C ARG A 387 -18.83 7.20 16.34
N MET A 388 -19.64 6.21 15.97
CA MET A 388 -19.48 4.85 16.45
CA MET A 388 -19.49 4.84 16.44
C MET A 388 -19.43 3.90 15.26
N ALA A 389 -18.50 2.95 15.31
CA ALA A 389 -18.37 1.95 14.26
C ALA A 389 -19.40 0.83 14.43
N LEU A 390 -19.98 0.40 13.32
CA LEU A 390 -21.00 -0.64 13.33
C LEU A 390 -20.53 -1.99 12.80
N ALA A 391 -19.38 -2.07 12.14
CA ALA A 391 -18.93 -3.32 11.53
C ALA A 391 -18.30 -4.18 12.61
N ARG A 392 -19.15 -4.77 13.43
CA ARG A 392 -18.72 -5.43 14.66
C ARG A 392 -19.59 -6.65 14.91
N GLU A 393 -19.07 -7.56 15.73
CA GLU A 393 -19.89 -8.68 16.17
C GLU A 393 -21.05 -8.17 17.01
N PRO A 394 -22.28 -8.61 16.74
CA PRO A 394 -23.44 -8.02 17.44
C PRO A 394 -23.43 -8.23 18.95
N GLU A 395 -22.84 -9.34 19.43
CA GLU A 395 -22.80 -9.57 20.87
C GLU A 395 -21.94 -8.53 21.57
N MET A 396 -20.70 -8.35 21.11
CA MET A 396 -19.86 -7.32 21.71
C MET A 396 -20.51 -5.94 21.56
N PHE A 397 -21.19 -5.70 20.45
CA PHE A 397 -21.76 -4.38 20.21
C PHE A 397 -22.88 -4.08 21.20
N ALA A 398 -23.75 -5.06 21.44
CA ALA A 398 -24.85 -4.88 22.38
C ALA A 398 -24.34 -4.67 23.81
N ASP A 399 -23.30 -5.42 24.19
CA ASP A 399 -22.68 -5.19 25.49
C ASP A 399 -22.08 -3.79 25.59
N ALA A 400 -21.48 -3.30 24.48
CA ALA A 400 -20.96 -1.94 24.48
C ALA A 400 -22.09 -0.92 24.59
N MET A 401 -23.24 -1.20 23.98
CA MET A 401 -24.37 -0.27 24.03
C MET A 401 -24.97 -0.22 25.44
N ALA A 402 -25.06 -1.36 26.10
CA ALA A 402 -25.54 -1.37 27.48
C ALA A 402 -24.62 -0.55 28.38
N LEU A 403 -23.32 -0.78 28.30
CA LEU A 403 -22.36 -0.02 29.09
C LEU A 403 -22.40 1.46 28.74
N THR A 404 -22.57 1.78 27.45
CA THR A 404 -22.63 3.19 27.05
C THR A 404 -23.83 3.88 27.69
N ARG A 405 -25.00 3.23 27.67
CA ARG A 405 -26.19 3.85 28.26
C ARG A 405 -26.04 4.01 29.77
N GLN A 406 -25.43 3.01 30.43
CA GLN A 406 -25.18 3.12 31.86
C GLN A 406 -24.30 4.33 32.18
N VAL A 407 -23.25 4.55 31.39
CA VAL A 407 -22.38 5.69 31.62
C VAL A 407 -23.12 7.00 31.39
N LEU A 408 -23.82 7.11 30.25
CA LEU A 408 -24.47 8.35 29.90
C LEU A 408 -25.55 8.72 30.91
N ASP A 409 -26.21 7.73 31.50
CA ASP A 409 -27.16 7.97 32.59
C ASP A 409 -26.47 8.42 33.89
N ARG A 410 -25.19 8.77 33.78
CA ARG A 410 -24.37 9.24 34.89
C ARG A 410 -24.33 8.22 36.03
N MET B 46 5.03 -20.07 -25.75
CA MET B 46 5.63 -20.13 -24.42
C MET B 46 6.33 -18.83 -24.05
N LYS B 47 5.96 -18.24 -22.92
CA LYS B 47 6.56 -17.02 -22.43
C LYS B 47 7.34 -17.29 -21.15
N TYR B 48 8.51 -16.67 -21.04
CA TYR B 48 9.39 -16.79 -19.88
C TYR B 48 9.64 -15.38 -19.36
N ASN B 49 8.94 -15.01 -18.29
CA ASN B 49 9.11 -13.70 -17.69
C ASN B 49 10.28 -13.75 -16.71
N LEU B 50 11.43 -13.22 -17.15
CA LEU B 50 12.59 -13.04 -16.29
C LEU B 50 12.84 -11.56 -16.02
N ALA B 51 11.77 -10.77 -16.03
CA ALA B 51 11.90 -9.33 -15.93
C ALA B 51 11.81 -8.88 -14.49
N ASP B 52 10.59 -8.83 -13.94
CA ASP B 52 10.44 -8.31 -12.58
C ASP B 52 11.02 -9.28 -11.55
N ALA B 53 11.51 -8.72 -10.45
CA ALA B 53 12.22 -9.51 -9.46
C ALA B 53 11.29 -10.17 -8.46
N HIS B 54 9.98 -10.02 -8.62
CA HIS B 54 9.03 -10.63 -7.71
C HIS B 54 9.22 -12.15 -7.66
N THR B 55 8.84 -12.73 -6.54
CA THR B 55 9.06 -14.17 -6.32
C THR B 55 7.99 -14.98 -7.01
N HIS B 56 8.39 -15.85 -7.94
CA HIS B 56 7.45 -16.74 -8.61
C HIS B 56 7.83 -18.21 -8.49
N GLN B 57 8.83 -18.55 -7.70
CA GLN B 57 9.04 -19.97 -7.42
C GLN B 57 7.88 -20.53 -6.61
N ARG B 58 7.74 -21.85 -6.66
CA ARG B 58 6.63 -22.48 -5.95
C ARG B 58 7.01 -22.73 -4.49
N GLN B 59 6.07 -23.31 -3.74
CA GLN B 59 6.25 -23.55 -2.32
C GLN B 59 7.10 -24.78 -2.05
N SER B 60 8.01 -24.66 -1.11
CA SER B 60 8.71 -25.82 -0.59
C SER B 60 7.74 -26.75 0.13
N ALA B 61 8.22 -27.94 0.45
CA ALA B 61 7.36 -28.89 1.16
C ALA B 61 6.86 -28.32 2.47
N SER B 62 7.74 -27.66 3.23
CA SER B 62 7.29 -27.12 4.51
C SER B 62 6.47 -25.85 4.33
N GLN B 63 6.74 -25.07 3.27
CA GLN B 63 5.90 -23.91 3.01
C GLN B 63 4.48 -24.33 2.60
N GLN B 64 4.36 -25.47 1.91
CA GLN B 64 3.04 -26.04 1.60
C GLN B 64 2.23 -26.30 2.86
N SER B 65 2.90 -26.61 3.98
CA SER B 65 2.18 -26.79 5.23
C SER B 65 1.68 -25.47 5.78
N ILE B 66 2.33 -24.35 5.43
CA ILE B 66 1.76 -23.05 5.77
C ILE B 66 0.52 -22.79 4.95
N VAL B 67 0.61 -22.99 3.63
CA VAL B 67 -0.55 -22.78 2.76
C VAL B 67 -1.73 -23.62 3.24
N SER B 68 -1.48 -24.86 3.64
CA SER B 68 -2.55 -25.75 4.09
CA SER B 68 -2.57 -25.73 4.06
C SER B 68 -3.24 -25.26 5.35
N ARG B 69 -2.59 -24.41 6.13
CA ARG B 69 -3.14 -23.89 7.37
C ARG B 69 -3.63 -22.45 7.26
N LEU B 70 -3.80 -21.93 6.03
CA LEU B 70 -4.34 -20.58 5.91
C LEU B 70 -5.70 -20.42 6.59
N PRO B 71 -6.62 -21.40 6.56
CA PRO B 71 -7.87 -21.19 7.33
C PRO B 71 -7.62 -20.99 8.81
N GLN B 72 -6.74 -21.82 9.40
CA GLN B 72 -6.40 -21.63 10.81
C GLN B 72 -5.78 -20.26 11.05
N LEU B 73 -4.84 -19.85 10.19
CA LEU B 73 -4.20 -18.55 10.36
C LEU B 73 -5.20 -17.41 10.21
N TRP B 74 -6.20 -17.60 9.36
CA TRP B 74 -7.28 -16.62 9.24
C TRP B 74 -8.02 -16.45 10.57
N TYR B 75 -8.48 -17.56 11.16
CA TYR B 75 -9.28 -17.44 12.38
C TYR B 75 -8.47 -16.91 13.55
N GLU B 76 -7.18 -17.26 13.63
CA GLU B 76 -6.32 -16.70 14.67
C GLU B 76 -6.31 -15.18 14.60
N ALA B 77 -6.05 -14.64 13.41
CA ALA B 77 -6.00 -13.20 13.26
C ALA B 77 -7.37 -12.56 13.51
N GLU B 78 -8.43 -13.26 13.09
CA GLU B 78 -9.77 -12.71 13.22
C GLU B 78 -10.18 -12.55 14.67
N GLU B 79 -9.89 -13.56 15.49
CA GLU B 79 -10.25 -13.47 16.90
C GLU B 79 -9.23 -12.70 17.72
N GLY B 80 -8.00 -12.56 17.22
CA GLY B 80 -6.93 -11.97 17.99
C GLY B 80 -6.85 -10.46 17.85
N LEU B 81 -5.88 -9.88 18.55
CA LEU B 81 -5.63 -8.45 18.57
C LEU B 81 -4.61 -8.08 17.51
N GLN B 82 -4.85 -6.96 16.81
CA GLN B 82 -3.93 -6.47 15.79
C GLN B 82 -2.51 -6.38 16.33
N ALA B 83 -2.35 -5.81 17.53
CA ALA B 83 -1.01 -5.60 18.08
C ALA B 83 -0.28 -6.91 18.32
N THR B 84 -1.01 -7.99 18.63
CA THR B 84 -0.38 -9.30 18.78
C THR B 84 0.36 -9.70 17.50
N TYR B 85 -0.29 -9.56 16.36
CA TYR B 85 0.29 -10.03 15.11
C TYR B 85 1.38 -9.09 14.61
N GLU B 86 1.27 -7.79 14.92
CA GLU B 86 2.35 -6.86 14.64
C GLU B 86 3.59 -7.23 15.44
N LYS B 87 3.41 -7.49 16.73
CA LYS B 87 4.55 -7.80 17.59
C LYS B 87 5.20 -9.12 17.19
N ARG B 88 4.40 -10.16 16.97
CA ARG B 88 4.97 -11.46 16.64
C ARG B 88 5.68 -11.43 15.30
N PHE B 89 5.13 -10.69 14.33
CA PHE B 89 5.83 -10.56 13.05
C PHE B 89 7.15 -9.81 13.20
N THR B 90 7.12 -8.67 13.88
CA THR B 90 8.31 -7.84 14.00
C THR B 90 9.40 -8.60 14.73
N GLU B 91 9.01 -9.35 15.77
CA GLU B 91 9.95 -10.15 16.53
C GLU B 91 10.57 -11.24 15.66
N ALA B 92 9.74 -12.01 14.95
CA ALA B 92 10.26 -13.07 14.09
C ALA B 92 11.22 -12.49 13.05
N PHE B 93 10.82 -11.37 12.44
CA PHE B 93 11.60 -10.81 11.35
C PHE B 93 12.98 -10.37 11.83
N PHE B 94 13.02 -9.57 12.90
CA PHE B 94 14.30 -9.06 13.39
C PHE B 94 15.09 -10.10 14.17
N GLN B 95 14.46 -11.21 14.59
CA GLN B 95 15.24 -12.33 15.07
C GLN B 95 15.96 -13.04 13.93
N LEU B 96 15.23 -13.34 12.84
CA LEU B 96 15.87 -13.98 11.69
C LEU B 96 16.99 -13.10 11.13
N HIS B 97 16.76 -11.80 11.05
CA HIS B 97 17.77 -10.89 10.50
C HIS B 97 18.84 -10.49 11.52
N ARG B 98 18.72 -10.94 12.77
CA ARG B 98 19.70 -10.66 13.82
C ARG B 98 19.92 -9.16 14.01
N GLN B 99 18.81 -8.45 14.22
CA GLN B 99 18.80 -7.01 14.50
C GLN B 99 18.21 -6.73 15.88
N PRO B 100 18.85 -7.21 16.95
CA PRO B 100 18.21 -7.10 18.27
C PRO B 100 17.95 -5.67 18.71
N THR B 101 18.79 -4.71 18.30
CA THR B 101 18.56 -3.32 18.69
C THR B 101 17.20 -2.84 18.19
N ALA B 102 16.78 -3.28 17.01
CA ALA B 102 15.49 -2.82 16.51
C ALA B 102 14.35 -3.28 17.42
N LEU B 103 14.47 -4.46 18.02
CA LEU B 103 13.44 -4.94 18.93
C LEU B 103 13.49 -4.24 20.29
N VAL B 104 14.67 -3.81 20.75
CA VAL B 104 14.73 -3.03 21.98
C VAL B 104 14.06 -1.66 21.78
N LYS B 105 14.41 -0.97 20.68
CA LYS B 105 13.84 0.35 20.45
C LYS B 105 12.33 0.27 20.20
N ASN B 106 11.88 -0.77 19.52
CA ASN B 106 10.45 -1.07 19.34
C ASN B 106 9.68 0.13 18.79
N LYS B 107 10.19 0.70 17.69
CA LYS B 107 9.59 1.87 17.06
C LYS B 107 9.37 1.66 15.56
N THR B 108 9.40 0.41 15.10
CA THR B 108 9.30 0.10 13.67
C THR B 108 7.83 0.06 13.24
N MET B 109 7.55 0.60 12.06
CA MET B 109 6.18 0.65 11.56
CA MET B 109 6.19 0.70 11.53
C MET B 109 6.04 -0.17 10.29
N LEU B 110 4.86 -0.76 10.13
CA LEU B 110 4.59 -1.77 9.11
C LEU B 110 3.67 -1.23 8.03
N SER B 111 3.97 -1.54 6.77
CA SER B 111 3.14 -1.09 5.65
C SER B 111 2.98 -2.19 4.62
N TYR B 112 2.13 -1.92 3.61
CA TYR B 112 1.78 -2.93 2.62
C TYR B 112 2.97 -3.38 1.77
N ALA B 113 3.97 -2.53 1.60
CA ALA B 113 5.03 -2.83 0.64
C ALA B 113 6.14 -1.80 0.79
N ALA B 114 7.33 -2.18 0.36
CA ALA B 114 8.49 -1.30 0.50
C ALA B 114 8.29 0.04 -0.21
N SER B 115 7.58 0.05 -1.35
CA SER B 115 7.32 1.31 -2.03
C SER B 115 6.44 2.22 -1.19
N ILE B 116 5.56 1.65 -0.38
CA ILE B 116 4.73 2.48 0.50
C ILE B 116 5.58 3.10 1.61
N SER B 117 6.45 2.30 2.23
CA SER B 117 7.43 2.85 3.18
C SER B 117 8.27 3.94 2.53
N THR B 118 8.66 3.72 1.27
CA THR B 118 9.42 4.72 0.54
C THR B 118 8.63 6.02 0.36
N MET B 119 7.33 5.91 0.09
CA MET B 119 6.54 7.14 -0.04
C MET B 119 6.39 7.88 1.29
N VAL B 120 6.34 7.16 2.41
CA VAL B 120 6.40 7.83 3.71
C VAL B 120 7.72 8.61 3.85
N ALA B 121 8.84 7.97 3.48
CA ALA B 121 10.12 8.67 3.50
C ALA B 121 10.10 9.86 2.54
N GLY B 122 9.44 9.70 1.39
CA GLY B 122 9.31 10.79 0.44
C GLY B 122 8.54 11.97 1.02
N MET B 123 7.48 11.70 1.79
CA MET B 123 6.76 12.79 2.42
C MET B 123 7.64 13.53 3.42
N PHE B 124 8.50 12.79 4.14
CA PHE B 124 9.43 13.45 5.05
C PHE B 124 10.43 14.31 4.28
N LEU B 125 10.98 13.77 3.20
CA LEU B 125 11.93 14.53 2.38
C LEU B 125 11.30 15.80 1.82
N LYS B 126 10.02 15.72 1.45
CA LYS B 126 9.36 16.90 0.90
C LYS B 126 9.04 17.91 1.99
N LYS B 127 8.58 17.43 3.17
CA LYS B 127 8.32 18.34 4.27
C LYS B 127 9.58 19.11 4.67
N GLU B 128 10.75 18.46 4.62
CA GLU B 128 12.00 19.11 4.98
C GLU B 128 12.69 19.77 3.79
N ARG B 129 12.15 19.59 2.59
CA ARG B 129 12.62 20.26 1.37
C ARG B 129 14.07 19.86 1.06
N LEU B 130 14.36 18.58 1.27
CA LEU B 130 15.70 18.04 1.09
C LEU B 130 15.90 17.44 -0.30
N ALA B 131 17.09 17.64 -0.85
CA ALA B 131 17.53 16.93 -2.04
C ALA B 131 18.25 15.63 -1.64
N VAL B 132 18.18 14.65 -2.54
CA VAL B 132 18.68 13.31 -2.29
C VAL B 132 19.81 12.98 -3.26
N THR B 133 20.90 12.44 -2.73
CA THR B 133 21.89 11.76 -3.55
C THR B 133 21.58 10.28 -3.47
N LEU B 134 21.25 9.69 -4.61
CA LEU B 134 20.74 8.32 -4.69
C LEU B 134 21.72 7.43 -5.43
N ILE B 135 21.90 6.20 -4.90
CA ILE B 135 22.78 5.21 -5.52
C ILE B 135 22.37 4.97 -6.98
N GLU B 136 23.39 4.80 -7.83
CA GLU B 136 23.21 4.40 -9.23
C GLU B 136 24.29 3.39 -9.58
N PRO B 137 23.95 2.30 -10.26
CA PRO B 137 22.63 1.92 -10.73
C PRO B 137 21.74 1.49 -9.58
N CYS B 138 20.44 1.57 -9.80
CA CYS B 138 19.49 0.94 -8.89
C CYS B 138 18.17 0.86 -9.62
N PHE B 139 17.33 -0.08 -9.20
CA PHE B 139 16.05 -0.27 -9.86
C PHE B 139 15.33 1.08 -9.96
N ASP B 140 14.87 1.41 -11.18
CA ASP B 140 14.48 2.81 -11.36
C ASP B 140 13.10 3.13 -10.80
N ASN B 141 12.36 2.15 -10.28
CA ASN B 141 11.11 2.51 -9.63
C ASN B 141 11.34 3.36 -8.39
N LEU B 142 12.49 3.20 -7.73
CA LEU B 142 12.81 4.06 -6.60
C LEU B 142 12.97 5.50 -7.05
N TYR B 143 13.72 5.71 -8.13
CA TYR B 143 13.78 7.03 -8.74
C TYR B 143 12.40 7.52 -9.13
N ASP B 144 11.61 6.68 -9.81
CA ASP B 144 10.33 7.12 -10.35
C ASP B 144 9.40 7.59 -9.24
N VAL B 145 9.27 6.81 -8.17
CA VAL B 145 8.31 7.19 -7.14
C VAL B 145 8.77 8.46 -6.44
N LEU B 146 10.07 8.60 -6.18
CA LEU B 146 10.54 9.83 -5.54
C LEU B 146 10.44 11.02 -6.49
N ALA B 147 10.76 10.82 -7.77
CA ALA B 147 10.62 11.90 -8.75
C ALA B 147 9.15 12.29 -8.91
N ASN B 148 8.25 11.30 -8.83
CA ASN B 148 6.83 11.60 -8.93
C ASN B 148 6.33 12.35 -7.71
N MET B 149 7.08 12.31 -6.60
CA MET B 149 6.84 13.11 -5.43
CA MET B 149 6.83 13.12 -5.43
C MET B 149 7.63 14.40 -5.43
N ASP B 150 8.29 14.71 -6.56
CA ASP B 150 9.05 15.94 -6.75
C ASP B 150 10.21 16.08 -5.76
N VAL B 151 10.81 14.95 -5.38
CA VAL B 151 12.05 14.96 -4.61
C VAL B 151 13.22 15.15 -5.57
N PRO B 152 14.09 16.13 -5.35
CA PRO B 152 15.29 16.26 -6.20
C PRO B 152 16.23 15.09 -6.01
N LEU B 153 16.74 14.56 -7.12
CA LEU B 153 17.53 13.32 -7.12
C LEU B 153 18.80 13.50 -7.94
N TYR B 154 19.94 13.17 -7.33
CA TYR B 154 21.25 13.31 -7.96
C TYR B 154 21.98 11.99 -7.78
N PRO B 155 22.62 11.45 -8.82
CA PRO B 155 23.22 10.12 -8.70
C PRO B 155 24.58 10.12 -8.00
N ILE B 156 24.88 8.98 -7.38
CA ILE B 156 26.25 8.65 -6.96
C ILE B 156 26.54 7.21 -7.37
N ASP B 157 27.65 6.99 -8.05
CA ASP B 157 27.90 5.67 -8.61
C ASP B 157 28.33 4.69 -7.53
N GLU B 158 27.87 3.45 -7.68
CA GLU B 158 28.19 2.38 -6.76
C GLU B 158 29.68 2.24 -6.52
N SER B 159 30.50 2.58 -7.51
CA SER B 159 31.94 2.38 -7.39
C SER B 159 32.57 3.23 -6.29
N VAL B 160 31.92 4.28 -5.80
CA VAL B 160 32.47 5.02 -4.66
C VAL B 160 32.60 4.15 -3.42
N PHE B 161 31.92 3.00 -3.39
CA PHE B 161 31.93 2.11 -2.22
C PHE B 161 32.85 0.90 -2.38
N TYR B 162 33.56 0.79 -3.52
CA TYR B 162 34.33 -0.43 -3.77
C TYR B 162 35.57 -0.50 -2.90
N ASP B 163 36.20 0.64 -2.61
CA ASP B 163 37.44 0.72 -1.85
C ASP B 163 37.13 1.35 -0.50
N VAL B 164 37.23 0.56 0.57
CA VAL B 164 36.74 1.02 1.87
C VAL B 164 37.48 2.27 2.35
N ASP B 165 38.75 2.43 2.02
CA ASP B 165 39.50 3.57 2.51
C ASP B 165 39.28 4.83 1.67
N ARG B 166 38.47 4.74 0.62
CA ARG B 166 38.12 5.88 -0.19
C ARG B 166 36.67 6.31 -0.02
N ILE B 167 35.88 5.55 0.74
CA ILE B 167 34.46 5.85 0.88
C ILE B 167 34.25 7.25 1.42
N TYR B 168 34.92 7.58 2.54
CA TYR B 168 34.66 8.87 3.17
C TYR B 168 35.07 10.05 2.29
N PRO B 169 36.28 10.11 1.71
CA PRO B 169 36.59 11.25 0.84
C PRO B 169 35.73 11.31 -0.41
N GLU B 170 35.32 10.16 -0.95
CA GLU B 170 34.43 10.19 -2.11
C GLU B 170 33.07 10.77 -1.75
N LEU B 171 32.52 10.41 -0.59
CA LEU B 171 31.25 10.98 -0.16
C LEU B 171 31.40 12.48 0.11
N GLU B 172 32.51 12.89 0.72
CA GLU B 172 32.70 14.32 0.96
C GLU B 172 32.71 15.11 -0.36
N ARG B 173 33.28 14.54 -1.41
CA ARG B 173 33.31 15.21 -2.70
C ARG B 173 31.97 15.16 -3.42
N ARG B 174 31.25 14.03 -3.32
CA ARG B 174 30.15 13.74 -4.23
C ARG B 174 28.76 13.86 -3.62
N VAL B 175 28.63 13.90 -2.30
CA VAL B 175 27.32 14.04 -1.65
C VAL B 175 27.17 15.50 -1.25
N ARG B 176 26.53 16.29 -2.11
CA ARG B 176 26.38 17.71 -1.87
C ARG B 176 24.91 18.10 -1.72
N THR B 177 24.12 17.15 -1.22
CA THR B 177 22.73 17.30 -0.84
C THR B 177 22.59 16.98 0.64
N ASP B 178 21.41 17.22 1.19
CA ASP B 178 21.23 16.96 2.62
C ASP B 178 20.89 15.50 2.93
N ALA B 179 20.57 14.70 1.93
CA ALA B 179 20.15 13.32 2.16
C ALA B 179 20.93 12.39 1.22
N LEU B 180 21.19 11.19 1.72
CA LEU B 180 21.88 10.13 0.99
C LEU B 180 21.04 8.88 1.06
N PHE B 181 20.70 8.31 -0.09
CA PHE B 181 19.80 7.14 -0.16
C PHE B 181 20.56 5.99 -0.81
N LEU B 182 20.81 4.93 -0.04
CA LEU B 182 21.50 3.73 -0.51
C LEU B 182 20.56 2.55 -0.55
N VAL B 183 20.92 1.54 -1.35
CA VAL B 183 20.20 0.27 -1.46
C VAL B 183 21.24 -0.81 -1.24
N ASP B 184 21.13 -1.53 -0.12
CA ASP B 184 22.20 -2.47 0.24
C ASP B 184 21.62 -3.73 0.86
N PRO B 185 21.84 -4.91 0.24
CA PRO B 185 22.57 -5.09 -1.02
C PRO B 185 21.87 -4.45 -2.21
N ASN B 186 22.63 -4.06 -3.23
CA ASN B 186 22.05 -3.27 -4.30
C ASN B 186 21.30 -4.14 -5.30
N ASN B 187 20.27 -3.55 -5.88
CA ASN B 187 19.53 -4.13 -6.99
C ASN B 187 19.83 -3.19 -8.15
N PRO B 188 20.54 -3.61 -9.20
CA PRO B 188 20.65 -4.98 -9.73
C PRO B 188 21.96 -5.73 -9.51
N THR B 189 22.98 -5.08 -8.92
CA THR B 189 24.33 -5.63 -8.95
C THR B 189 24.62 -6.63 -7.84
N GLY B 190 23.82 -6.67 -6.79
CA GLY B 190 24.15 -7.45 -5.62
C GLY B 190 25.33 -6.94 -4.83
N PHE B 191 25.79 -5.72 -5.10
CA PHE B 191 26.88 -5.17 -4.33
C PHE B 191 26.44 -4.95 -2.88
N SER B 192 27.36 -5.12 -1.95
CA SER B 192 27.07 -4.72 -0.58
C SER B 192 28.30 -4.19 0.12
N LEU B 193 28.10 -3.14 0.92
CA LEU B 193 29.12 -2.67 1.86
C LEU B 193 29.61 -3.78 2.79
N LEU B 194 28.86 -4.87 2.92
CA LEU B 194 29.28 -5.96 3.79
C LEU B 194 30.49 -6.70 3.26
N ARG B 195 30.91 -6.44 2.01
CA ARG B 195 32.21 -6.95 1.58
C ARG B 195 33.33 -6.42 2.46
N HIS B 196 33.12 -5.27 3.10
CA HIS B 196 34.08 -4.64 3.97
C HIS B 196 33.87 -4.98 5.44
N GLY B 197 33.09 -6.01 5.74
CA GLY B 197 32.76 -6.30 7.13
C GLY B 197 31.82 -5.24 7.69
N ARG B 198 32.18 -4.68 8.85
CA ARG B 198 31.45 -3.55 9.42
C ARG B 198 31.89 -2.21 8.86
N LYS B 199 33.09 -2.15 8.28
CA LYS B 199 33.78 -0.87 8.10
C LYS B 199 33.17 -0.02 7.00
N GLY B 200 32.60 -0.65 5.96
CA GLY B 200 31.99 0.13 4.89
C GLY B 200 30.80 0.93 5.39
N PHE B 201 29.85 0.24 6.04
CA PHE B 201 28.74 0.95 6.67
C PHE B 201 29.22 1.94 7.72
N GLU B 202 30.24 1.58 8.49
CA GLU B 202 30.71 2.50 9.52
C GLU B 202 31.25 3.79 8.90
N GLU B 203 31.92 3.69 7.74
CA GLU B 203 32.42 4.88 7.07
C GLU B 203 31.28 5.73 6.51
N VAL B 204 30.24 5.09 5.96
CA VAL B 204 29.10 5.85 5.47
C VAL B 204 28.43 6.59 6.61
N VAL B 205 28.21 5.88 7.72
CA VAL B 205 27.56 6.51 8.87
C VAL B 205 28.43 7.62 9.47
N ARG B 206 29.75 7.40 9.53
CA ARG B 206 30.66 8.44 10.00
C ARG B 206 30.50 9.71 9.17
N PHE B 207 30.46 9.54 7.85
CA PHE B 207 30.31 10.70 6.96
C PHE B 207 28.98 11.40 7.20
N CYS B 208 27.89 10.64 7.25
CA CYS B 208 26.57 11.24 7.37
C CYS B 208 26.41 11.93 8.72
N LYS B 209 27.00 11.35 9.78
CA LYS B 209 26.94 12.01 11.08
C LYS B 209 27.79 13.28 11.07
N ASP B 210 29.01 13.19 10.54
CA ASP B 210 29.92 14.34 10.53
C ASP B 210 29.35 15.51 9.75
N HIS B 211 28.67 15.21 8.64
CA HIS B 211 28.26 16.25 7.70
C HIS B 211 26.76 16.47 7.71
N ASP B 212 26.06 15.99 8.75
CA ASP B 212 24.66 16.31 8.95
C ASP B 212 23.82 15.90 7.73
N LYS B 213 23.97 14.64 7.35
CA LYS B 213 23.19 14.06 6.26
C LYS B 213 22.15 13.12 6.82
N LEU B 214 20.93 13.18 6.28
CA LEU B 214 19.93 12.15 6.52
C LEU B 214 20.29 10.92 5.71
N LEU B 215 20.42 9.77 6.37
CA LEU B 215 20.81 8.52 5.72
C LEU B 215 19.57 7.63 5.55
N LEU B 216 19.18 7.39 4.30
CA LEU B 216 18.10 6.44 4.01
C LEU B 216 18.73 5.18 3.42
N ILE B 217 18.31 4.02 3.92
CA ILE B 217 18.82 2.76 3.41
C ILE B 217 17.67 1.80 3.16
N ASP B 218 17.61 1.26 1.94
CA ASP B 218 16.68 0.20 1.57
C ASP B 218 17.42 -1.12 1.73
N PHE B 219 16.96 -1.94 2.69
CA PHE B 219 17.57 -3.22 3.02
C PHE B 219 16.80 -4.40 2.45
N CYS B 220 16.01 -4.19 1.39
CA CYS B 220 15.08 -5.22 0.91
CA CYS B 220 15.08 -5.23 0.99
C CYS B 220 15.80 -6.52 0.56
N PHE B 221 17.04 -6.43 0.07
CA PHE B 221 17.78 -7.62 -0.33
C PHE B 221 18.66 -8.18 0.81
N ALA B 222 18.50 -7.68 2.04
CA ALA B 222 19.42 -8.06 3.12
C ALA B 222 19.27 -9.52 3.55
N SER B 223 18.11 -10.13 3.29
CA SER B 223 17.92 -11.53 3.64
C SER B 223 18.91 -12.42 2.92
N PHE B 224 19.36 -12.00 1.73
CA PHE B 224 20.29 -12.83 0.96
C PHE B 224 21.71 -12.80 1.52
N THR B 225 21.98 -11.99 2.54
CA THR B 225 23.23 -12.10 3.28
C THR B 225 23.16 -13.08 4.44
N LEU B 226 21.96 -13.43 4.89
CA LEU B 226 21.83 -14.14 6.15
C LEU B 226 22.45 -15.53 6.07
N PHE B 227 23.09 -15.93 7.16
CA PHE B 227 23.75 -17.23 7.32
C PHE B 227 24.97 -17.37 6.41
N GLU B 228 25.38 -16.32 5.71
CA GLU B 228 26.62 -16.36 4.95
C GLU B 228 27.80 -16.26 5.91
N PRO B 229 28.83 -17.10 5.74
CA PRO B 229 29.94 -17.09 6.72
C PRO B 229 30.68 -15.76 6.80
N GLU B 230 30.87 -15.06 5.68
CA GLU B 230 31.63 -13.83 5.68
C GLU B 230 30.77 -12.59 5.49
N LEU B 231 29.51 -12.73 5.06
CA LEU B 231 28.71 -11.60 4.65
C LEU B 231 27.48 -11.35 5.50
N ALA B 232 27.14 -12.23 6.44
CA ALA B 232 25.91 -12.08 7.20
C ALA B 232 25.84 -10.70 7.85
N ARG B 233 24.71 -10.02 7.65
CA ARG B 233 24.59 -8.66 8.16
C ARG B 233 24.76 -8.63 9.68
N PHE B 234 25.46 -7.61 10.16
CA PHE B 234 25.51 -7.32 11.59
C PHE B 234 24.29 -6.51 11.99
N ASP B 235 24.20 -6.17 13.27
CA ASP B 235 23.07 -5.37 13.77
C ASP B 235 23.24 -3.92 13.29
N MET B 236 22.54 -3.60 12.20
CA MET B 236 22.61 -2.27 11.61
CA MET B 236 22.64 -2.26 11.62
C MET B 236 22.05 -1.20 12.54
N TYR B 237 21.01 -1.54 13.31
CA TYR B 237 20.34 -0.56 14.14
C TYR B 237 21.19 -0.17 15.34
N GLU B 238 22.04 -1.09 15.81
CA GLU B 238 23.01 -0.73 16.84
C GLU B 238 23.95 0.36 16.35
N LEU B 239 24.44 0.24 15.12
CA LEU B 239 25.31 1.27 14.55
C LEU B 239 24.53 2.56 14.33
N LEU B 240 23.35 2.48 13.72
CA LEU B 240 22.57 3.70 13.44
C LEU B 240 22.21 4.43 14.72
N GLU B 241 21.77 3.70 15.75
CA GLU B 241 21.41 4.34 17.01
C GLU B 241 22.64 4.89 17.72
N ASN B 242 23.69 4.08 17.85
CA ASN B 242 24.88 4.53 18.58
C ASN B 242 25.48 5.78 17.95
N SER B 243 25.44 5.87 16.63
CA SER B 243 26.05 7.00 15.93
C SER B 243 25.28 8.29 16.12
N GLY B 244 23.98 8.21 16.42
CA GLY B 244 23.16 9.41 16.47
C GLY B 244 22.80 9.99 15.11
N VAL B 245 23.13 9.29 14.03
CA VAL B 245 22.82 9.80 12.69
C VAL B 245 21.30 9.87 12.51
N ARG B 246 20.85 10.86 11.75
CA ARG B 246 19.45 10.89 11.33
C ARG B 246 19.26 9.87 10.22
N TYR B 247 18.26 8.98 10.37
CA TYR B 247 18.14 7.89 9.43
C TYR B 247 16.71 7.44 9.22
N LEU B 248 16.50 6.81 8.07
CA LEU B 248 15.30 6.05 7.74
C LEU B 248 15.74 4.74 7.12
N ALA B 249 15.28 3.62 7.68
CA ALA B 249 15.72 2.30 7.25
C ALA B 249 14.50 1.47 6.86
N ILE B 250 14.53 0.89 5.66
CA ILE B 250 13.40 0.15 5.11
C ILE B 250 13.78 -1.31 4.96
N GLU B 251 12.93 -2.22 5.45
CA GLU B 251 13.12 -3.66 5.33
C GLU B 251 11.91 -4.26 4.62
N ASP B 252 12.07 -5.47 4.07
CA ASP B 252 11.02 -6.06 3.23
C ASP B 252 10.97 -7.56 3.41
N THR B 253 9.77 -8.11 3.13
CA THR B 253 9.56 -9.55 3.00
C THR B 253 9.32 -10.00 1.58
N GLY B 254 8.84 -9.11 0.69
CA GLY B 254 8.25 -9.56 -0.55
C GLY B 254 9.23 -10.15 -1.54
N LYS B 255 10.50 -9.80 -1.44
CA LYS B 255 11.48 -10.34 -2.38
C LYS B 255 12.13 -11.62 -1.87
N THR B 256 11.91 -11.96 -0.61
CA THR B 256 12.55 -13.13 -0.01
C THR B 256 11.70 -14.38 -0.16
N TRP B 257 10.42 -14.27 0.13
CA TRP B 257 9.57 -15.44 0.21
C TRP B 257 8.56 -15.46 -0.93
N PRO B 258 8.12 -16.65 -1.35
CA PRO B 258 7.09 -16.80 -2.40
C PRO B 258 5.69 -16.60 -1.81
N VAL B 259 5.39 -15.35 -1.47
CA VAL B 259 4.14 -15.03 -0.80
C VAL B 259 3.19 -14.28 -1.74
N GLN B 260 3.44 -14.35 -3.04
CA GLN B 260 2.55 -13.80 -4.06
C GLN B 260 2.19 -12.35 -3.78
N ASP B 261 3.18 -11.59 -3.30
CA ASP B 261 3.04 -10.16 -3.04
C ASP B 261 1.97 -9.83 -2.00
N ALA B 262 1.58 -10.83 -1.20
CA ALA B 262 0.82 -10.59 0.03
C ALA B 262 1.86 -10.41 1.13
N LYS B 263 2.31 -9.15 1.31
CA LYS B 263 3.61 -8.91 1.95
C LYS B 263 3.52 -7.78 2.96
N CYS B 264 4.68 -7.43 3.52
CA CYS B 264 4.79 -6.40 4.54
C CYS B 264 6.18 -5.80 4.48
N ALA B 265 6.25 -4.47 4.54
CA ALA B 265 7.52 -3.78 4.69
C ALA B 265 7.57 -3.08 6.04
N LEU B 266 8.78 -2.72 6.45
CA LEU B 266 9.06 -2.15 7.76
C LEU B 266 9.90 -0.91 7.57
N ILE B 267 9.61 0.13 8.35
CA ILE B 267 10.42 1.35 8.34
C ILE B 267 10.72 1.76 9.78
N THR B 268 11.96 2.18 10.01
CA THR B 268 12.46 2.60 11.31
C THR B 268 13.16 3.92 11.13
N ALA B 269 12.88 4.89 12.01
CA ALA B 269 13.42 6.23 11.94
C ALA B 269 14.26 6.51 13.18
N SER B 270 15.25 7.40 13.05
CA SER B 270 15.99 7.87 14.21
C SER B 270 15.06 8.58 15.19
N ASP B 271 15.45 8.58 16.48
CA ASP B 271 14.58 9.12 17.52
C ASP B 271 14.19 10.58 17.27
N ASP B 272 15.09 11.38 16.69
CA ASP B 272 14.82 12.80 16.53
C ASP B 272 13.73 13.10 15.52
N ILE B 273 13.47 12.19 14.58
CA ILE B 273 12.41 12.39 13.58
C ILE B 273 11.28 11.39 13.73
N TRP B 274 11.33 10.52 14.76
CA TRP B 274 10.37 9.43 14.88
C TRP B 274 8.93 9.93 14.93
N GLU B 275 8.66 10.99 15.69
CA GLU B 275 7.28 11.43 15.86
C GLU B 275 6.71 11.97 14.56
N THR B 276 7.49 12.79 13.84
CA THR B 276 7.05 13.26 12.53
C THR B 276 6.75 12.10 11.60
N VAL B 277 7.67 11.13 11.52
CA VAL B 277 7.48 10.02 10.60
C VAL B 277 6.30 9.16 11.03
N TYR B 278 6.12 9.00 12.35
CA TYR B 278 4.97 8.25 12.85
C TYR B 278 3.66 8.87 12.36
N ASN B 279 3.55 10.19 12.45
CA ASN B 279 2.33 10.86 12.01
C ASN B 279 2.15 10.75 10.50
N LEU B 280 3.24 10.88 9.73
CA LEU B 280 3.13 10.66 8.28
C LEU B 280 2.65 9.24 7.98
N HIS B 281 3.26 8.25 8.63
CA HIS B 281 2.93 6.85 8.38
C HIS B 281 1.48 6.55 8.70
N THR B 282 0.99 7.06 9.82
CA THR B 282 -0.36 6.68 10.18
CA THR B 282 -0.37 6.79 10.27
C THR B 282 -1.40 7.38 9.31
N SER B 283 -1.03 8.44 8.58
CA SER B 283 -1.98 9.00 7.61
C SER B 283 -2.16 8.09 6.40
N VAL B 284 -1.21 7.20 6.15
CA VAL B 284 -1.27 6.28 5.02
C VAL B 284 -2.09 5.04 5.31
N LEU B 285 -1.90 4.44 6.50
CA LEU B 285 -2.67 3.25 6.86
C LEU B 285 -2.71 3.12 8.36
N LEU B 286 -3.78 2.49 8.84
CA LEU B 286 -3.90 2.21 10.25
C LEU B 286 -3.17 0.92 10.62
N ASN B 287 -3.17 -0.06 9.73
CA ASN B 287 -2.65 -1.38 10.04
C ASN B 287 -2.48 -2.17 8.75
N VAL B 288 -1.54 -3.11 8.77
CA VAL B 288 -1.45 -4.17 7.79
C VAL B 288 -2.34 -5.30 8.25
N SER B 289 -2.93 -6.02 7.31
CA SER B 289 -3.81 -7.15 7.60
C SER B 289 -3.17 -8.08 8.63
N PRO B 290 -3.84 -8.36 9.75
CA PRO B 290 -3.24 -9.31 10.71
C PRO B 290 -3.21 -10.73 10.17
N PHE B 291 -4.08 -11.08 9.21
CA PHE B 291 -3.99 -12.36 8.53
C PHE B 291 -2.69 -12.45 7.74
N VAL B 292 -2.38 -11.42 6.96
CA VAL B 292 -1.12 -11.42 6.22
C VAL B 292 0.07 -11.46 7.18
N LEU B 293 0.03 -10.67 8.25
CA LEU B 293 1.13 -10.69 9.21
C LEU B 293 1.31 -12.08 9.81
N ASN B 294 0.20 -12.73 10.16
CA ASN B 294 0.27 -14.07 10.74
C ASN B 294 0.89 -15.05 9.74
N MET B 295 0.44 -15.01 8.48
CA MET B 295 1.00 -15.87 7.47
CA MET B 295 1.00 -15.86 7.44
C MET B 295 2.49 -15.60 7.27
N LEU B 296 2.87 -14.32 7.14
CA LEU B 296 4.28 -14.00 6.92
C LEU B 296 5.13 -14.48 8.08
N THR B 297 4.61 -14.37 9.31
CA THR B 297 5.36 -14.83 10.48
C THR B 297 5.71 -16.31 10.34
N GLN B 298 4.82 -17.11 9.75
CA GLN B 298 5.12 -18.53 9.56
C GLN B 298 6.23 -18.73 8.53
N TYR B 299 6.26 -17.92 7.46
CA TYR B 299 7.35 -18.02 6.49
C TYR B 299 8.68 -17.66 7.13
N VAL B 300 8.69 -16.60 7.95
CA VAL B 300 9.92 -16.21 8.62
C VAL B 300 10.41 -17.33 9.53
N ARG B 301 9.50 -17.88 10.34
CA ARG B 301 9.89 -18.97 11.25
C ARG B 301 10.34 -20.19 10.48
N ASP B 302 9.68 -20.49 9.34
CA ASP B 302 10.07 -21.63 8.53
C ASP B 302 11.51 -21.48 8.02
N SER B 303 11.88 -20.26 7.64
CA SER B 303 13.21 -20.03 7.11
C SER B 303 14.25 -19.91 8.22
N ALA B 304 13.85 -19.51 9.43
CA ALA B 304 14.77 -19.65 10.55
C ALA B 304 15.12 -21.12 10.74
N ALA B 305 14.14 -22.00 10.54
CA ALA B 305 14.34 -23.42 10.83
C ALA B 305 15.28 -24.08 9.83
N ASP B 306 15.24 -23.67 8.56
CA ASP B 306 16.10 -24.27 7.55
C ASP B 306 17.24 -23.34 7.12
N ARG B 307 17.51 -22.29 7.91
CA ARG B 307 18.58 -21.34 7.60
C ARG B 307 18.47 -20.84 6.15
N LEU B 308 17.24 -20.51 5.75
CA LEU B 308 16.89 -19.97 4.43
C LEU B 308 17.28 -20.90 3.28
N ALA B 309 17.48 -22.20 3.55
CA ALA B 309 17.92 -23.10 2.49
C ALA B 309 16.92 -23.15 1.33
N SER B 310 15.61 -23.14 1.62
CA SER B 310 14.66 -23.31 0.53
C SER B 310 14.65 -22.11 -0.40
N VAL B 311 15.03 -20.93 0.10
CA VAL B 311 15.20 -19.77 -0.75
C VAL B 311 16.55 -19.82 -1.47
N ARG B 312 17.63 -19.97 -0.71
CA ARG B 312 18.96 -19.90 -1.28
C ARG B 312 19.19 -20.95 -2.34
N GLU B 313 18.69 -22.18 -2.12
CA GLU B 313 18.98 -23.24 -3.06
C GLU B 313 18.32 -23.02 -4.41
N VAL B 314 17.11 -22.45 -4.41
CA VAL B 314 16.44 -22.14 -5.67
C VAL B 314 17.21 -21.07 -6.43
N LEU B 315 17.60 -19.99 -5.73
CA LEU B 315 18.32 -18.91 -6.39
C LEU B 315 19.68 -19.39 -6.89
N THR B 316 20.36 -20.24 -6.10
CA THR B 316 21.66 -20.76 -6.53
C THR B 316 21.52 -21.65 -7.77
N ARG B 317 20.50 -22.51 -7.81
CA ARG B 317 20.31 -23.35 -8.97
C ARG B 317 20.14 -22.52 -10.24
N ASN B 318 19.33 -21.46 -10.17
CA ASN B 318 19.12 -20.62 -11.34
C ASN B 318 20.34 -19.77 -11.65
N ARG B 319 21.00 -19.22 -10.62
CA ARG B 319 22.21 -18.43 -10.85
C ARG B 319 23.27 -19.27 -11.55
N GLU B 320 23.47 -20.50 -11.08
CA GLU B 320 24.47 -21.36 -11.70
C GLU B 320 24.07 -21.73 -13.13
N CYS B 321 22.78 -21.99 -13.35
CA CYS B 321 22.31 -22.29 -14.70
C CYS B 321 22.57 -21.13 -15.65
N ALA B 322 22.27 -19.90 -15.21
CA ALA B 322 22.53 -18.75 -16.06
C ALA B 322 24.02 -18.57 -16.32
N ARG B 323 24.84 -18.70 -15.27
CA ARG B 323 26.29 -18.54 -15.43
C ARG B 323 26.85 -19.57 -16.41
N LYS B 324 26.53 -20.84 -16.22
CA LYS B 324 27.03 -21.88 -17.10
C LYS B 324 26.50 -21.70 -18.53
N THR B 325 25.20 -21.40 -18.66
CA THR B 325 24.60 -21.29 -19.99
C THR B 325 25.20 -20.13 -20.79
N LEU B 326 25.48 -19.01 -20.13
CA LEU B 326 25.84 -17.79 -20.83
C LEU B 326 27.34 -17.54 -20.84
N ASP B 327 28.12 -18.44 -20.24
CA ASP B 327 29.58 -18.32 -20.27
C ASP B 327 30.08 -18.24 -21.71
N GLY B 328 30.86 -17.20 -22.01
CA GLY B 328 31.36 -16.99 -23.35
C GLY B 328 30.41 -16.38 -24.35
N SER B 329 29.18 -16.04 -23.94
CA SER B 329 28.22 -15.40 -24.82
C SER B 329 28.42 -13.89 -24.82
N ILE B 330 27.58 -13.17 -25.57
CA ILE B 330 27.64 -11.72 -25.53
C ILE B 330 27.15 -11.15 -24.21
N LEU B 331 26.55 -11.98 -23.36
CA LEU B 331 26.12 -11.55 -22.03
C LEU B 331 27.15 -12.02 -21.02
N GLU B 332 27.96 -11.08 -20.52
CA GLU B 332 29.06 -11.34 -19.61
C GLU B 332 28.55 -11.26 -18.17
N TYR B 333 28.49 -12.39 -17.49
CA TYR B 333 28.02 -12.44 -16.11
C TYR B 333 28.87 -11.57 -15.20
N GLN B 334 28.20 -10.77 -14.35
CA GLN B 334 28.87 -9.90 -13.38
C GLN B 334 28.69 -10.51 -11.99
N GLU B 335 29.73 -11.16 -11.48
CA GLU B 335 29.59 -11.85 -10.21
C GLU B 335 29.21 -10.86 -9.11
N PRO B 336 28.17 -11.12 -8.32
CA PRO B 336 27.77 -10.20 -7.26
C PRO B 336 28.49 -10.47 -5.94
N VAL B 337 28.58 -9.41 -5.14
CA VAL B 337 29.05 -9.57 -3.76
C VAL B 337 28.12 -10.49 -3.00
N VAL B 338 26.83 -10.27 -3.13
CA VAL B 338 25.79 -11.01 -2.39
C VAL B 338 24.97 -11.81 -3.39
N LYS B 339 24.59 -13.02 -2.99
CA LYS B 339 23.79 -13.92 -3.83
C LYS B 339 22.33 -13.48 -3.79
N VAL B 340 22.06 -12.37 -4.47
CA VAL B 340 20.70 -11.83 -4.50
C VAL B 340 19.84 -12.52 -5.55
N SER B 341 18.58 -12.11 -5.66
CA SER B 341 17.60 -12.81 -6.48
C SER B 341 17.56 -12.30 -7.92
N VAL B 342 18.57 -11.55 -8.33
CA VAL B 342 18.67 -11.07 -9.71
C VAL B 342 20.11 -11.28 -10.17
N ALA B 343 20.27 -11.49 -11.47
CA ALA B 343 21.58 -11.63 -12.10
C ALA B 343 21.79 -10.48 -13.07
N TRP B 344 23.03 -10.00 -13.13
CA TRP B 344 23.43 -8.80 -13.85
C TRP B 344 24.51 -9.15 -14.85
N PHE B 345 24.33 -8.69 -16.08
CA PHE B 345 25.23 -9.02 -17.19
C PHE B 345 25.66 -7.76 -17.92
N ARG B 346 26.91 -7.76 -18.37
CA ARG B 346 27.39 -6.73 -19.28
C ARG B 346 27.30 -7.24 -20.71
N VAL B 347 26.87 -6.36 -21.63
CA VAL B 347 26.74 -6.73 -23.03
C VAL B 347 28.12 -6.55 -23.68
N ASP B 348 28.73 -7.67 -24.08
CA ASP B 348 30.08 -7.65 -24.67
C ASP B 348 29.94 -7.82 -26.18
N HIS B 349 29.70 -6.69 -26.86
CA HIS B 349 29.52 -6.68 -28.30
C HIS B 349 29.83 -5.29 -28.82
N PRO B 350 30.48 -5.17 -29.99
CA PRO B 350 30.85 -3.84 -30.49
C PRO B 350 29.67 -2.99 -30.95
N GLU B 351 28.53 -3.59 -31.30
CA GLU B 351 27.39 -2.83 -31.79
C GLU B 351 26.11 -3.06 -31.00
N LEU B 352 25.83 -4.28 -30.57
CA LEU B 352 24.53 -4.59 -29.98
C LEU B 352 24.39 -3.94 -28.60
N THR B 353 23.21 -3.42 -28.33
CA THR B 353 22.88 -2.85 -27.02
C THR B 353 21.96 -3.78 -26.24
N ALA B 354 21.77 -3.42 -24.97
CA ALA B 354 20.80 -4.12 -24.15
C ALA B 354 19.39 -4.02 -24.75
N THR B 355 19.07 -2.88 -25.36
CA THR B 355 17.76 -2.75 -26.00
C THR B 355 17.64 -3.72 -27.17
N ASP B 356 18.71 -3.89 -27.94
CA ASP B 356 18.70 -4.89 -29.01
C ASP B 356 18.52 -6.29 -28.46
N VAL B 357 19.24 -6.61 -27.37
CA VAL B 357 19.16 -7.93 -26.78
C VAL B 357 17.75 -8.21 -26.27
N HIS B 358 17.15 -7.21 -25.62
CA HIS B 358 15.79 -7.38 -25.14
C HIS B 358 14.81 -7.61 -26.29
N ARG B 359 15.00 -6.89 -27.39
CA ARG B 359 14.12 -7.06 -28.55
C ARG B 359 14.24 -8.47 -29.11
N LEU B 360 15.49 -8.93 -29.30
CA LEU B 360 15.71 -10.25 -29.87
C LEU B 360 15.18 -11.35 -28.97
N LEU B 361 15.43 -11.24 -27.67
CA LEU B 361 14.96 -12.29 -26.77
C LEU B 361 13.44 -12.28 -26.65
N SER B 362 12.82 -11.10 -26.58
CA SER B 362 11.37 -11.08 -26.41
C SER B 362 10.66 -11.55 -27.67
N ALA B 363 11.28 -11.40 -28.84
CA ALA B 363 10.67 -11.91 -30.07
C ALA B 363 10.48 -13.43 -30.01
N ASP B 364 11.32 -14.12 -29.23
CA ASP B 364 11.18 -15.55 -29.02
C ASP B 364 10.59 -15.90 -27.67
N GLY B 365 10.04 -14.92 -26.95
CA GLY B 365 9.29 -15.20 -25.74
C GLY B 365 10.08 -15.15 -24.45
N VAL B 366 11.32 -14.67 -24.45
CA VAL B 366 12.12 -14.54 -23.24
C VAL B 366 12.19 -13.07 -22.88
N TYR B 367 11.75 -12.71 -21.69
CA TYR B 367 11.65 -11.30 -21.29
C TYR B 367 12.65 -11.01 -20.18
N VAL B 368 13.67 -10.22 -20.51
CA VAL B 368 14.64 -9.73 -19.55
C VAL B 368 14.48 -8.23 -19.43
N LEU B 369 15.31 -7.58 -18.61
CA LEU B 369 15.27 -6.13 -18.52
C LEU B 369 16.54 -5.50 -19.02
N PRO B 370 16.46 -4.55 -19.95
CA PRO B 370 17.64 -3.78 -20.33
C PRO B 370 18.12 -2.96 -19.15
N GLY B 371 19.44 -2.76 -19.09
CA GLY B 371 20.02 -2.02 -17.99
C GLY B 371 19.61 -0.57 -17.94
N ARG B 372 18.97 -0.06 -19.00
CA ARG B 372 18.45 1.31 -18.98
C ARG B 372 17.56 1.57 -17.78
N TYR B 373 16.85 0.53 -17.31
CA TYR B 373 15.93 0.64 -16.17
C TYR B 373 16.65 0.69 -14.83
N PHE B 374 17.97 0.80 -14.83
CA PHE B 374 18.73 0.86 -13.59
C PHE B 374 19.69 2.04 -13.57
N TYR B 375 19.96 2.66 -14.71
CA TYR B 375 20.76 3.89 -14.74
C TYR B 375 19.81 5.09 -14.87
N TRP B 376 19.10 5.34 -13.77
CA TRP B 376 17.96 6.24 -13.78
C TRP B 376 18.34 7.69 -14.07
N SER B 377 19.58 8.09 -13.80
CA SER B 377 19.95 9.48 -14.11
C SER B 377 20.36 9.65 -15.57
N GLU B 378 20.65 8.55 -16.26
CA GLU B 378 21.28 8.59 -17.57
C GLU B 378 21.06 7.23 -18.22
N PRO B 379 19.83 6.93 -18.64
CA PRO B 379 19.51 5.55 -19.03
C PRO B 379 20.41 4.96 -20.11
N SER B 380 20.98 5.78 -20.99
CA SER B 380 21.87 5.24 -22.01
C SER B 380 23.03 4.45 -21.41
N LYS B 381 23.50 4.82 -20.22
CA LYS B 381 24.56 4.04 -19.57
C LYS B 381 24.14 2.59 -19.41
N GLY B 382 22.85 2.36 -19.17
CA GLY B 382 22.36 1.01 -18.98
C GLY B 382 22.20 0.21 -20.26
N ASP B 383 22.41 0.80 -21.44
CA ASP B 383 22.34 -0.04 -22.63
C ASP B 383 23.54 -0.97 -22.75
N ALA B 384 24.46 -0.92 -21.80
CA ALA B 384 25.56 -1.88 -21.73
C ALA B 384 25.27 -3.06 -20.81
N TYR B 385 24.06 -3.16 -20.23
CA TYR B 385 23.81 -4.18 -19.22
C TYR B 385 22.42 -4.79 -19.39
N VAL B 386 22.25 -5.97 -18.81
CA VAL B 386 20.97 -6.68 -18.80
C VAL B 386 20.77 -7.31 -17.43
N ARG B 387 19.55 -7.25 -16.91
CA ARG B 387 19.19 -7.92 -15.66
C ARG B 387 18.20 -9.06 -15.92
N MET B 388 18.38 -10.16 -15.18
CA MET B 388 17.51 -11.32 -15.25
CA MET B 388 17.50 -11.31 -15.26
C MET B 388 17.06 -11.69 -13.85
N ALA B 389 15.76 -11.96 -13.70
CA ALA B 389 15.21 -12.37 -12.41
C ALA B 389 15.49 -13.85 -12.16
N LEU B 390 15.83 -14.18 -10.91
CA LEU B 390 16.18 -15.54 -10.52
C LEU B 390 15.14 -16.22 -9.63
N ALA B 391 14.18 -15.48 -9.07
CA ALA B 391 13.21 -16.06 -8.14
C ALA B 391 12.12 -16.73 -8.97
N ARG B 392 12.44 -17.94 -9.44
CA ARG B 392 11.70 -18.62 -10.48
C ARG B 392 11.80 -20.12 -10.28
N GLU B 393 10.78 -20.85 -10.72
CA GLU B 393 10.87 -22.30 -10.75
C GLU B 393 12.07 -22.74 -11.58
N PRO B 394 12.92 -23.63 -11.05
CA PRO B 394 14.16 -23.98 -11.78
C PRO B 394 13.93 -24.62 -13.14
N GLU B 395 12.86 -25.39 -13.31
CA GLU B 395 12.64 -26.05 -14.60
C GLU B 395 12.28 -25.03 -15.67
N MET B 396 11.32 -24.13 -15.38
CA MET B 396 11.07 -22.99 -16.25
C MET B 396 12.34 -22.19 -16.53
N PHE B 397 13.11 -21.90 -15.49
CA PHE B 397 14.30 -21.08 -15.69
C PHE B 397 15.31 -21.77 -16.60
N ALA B 398 15.48 -23.09 -16.44
CA ALA B 398 16.43 -23.81 -17.28
C ALA B 398 15.98 -23.82 -18.73
N ASP B 399 14.67 -23.99 -18.97
CA ASP B 399 14.15 -23.91 -20.33
C ASP B 399 14.37 -22.52 -20.90
N ALA B 400 14.17 -21.48 -20.08
CA ALA B 400 14.40 -20.11 -20.53
C ALA B 400 15.87 -19.90 -20.91
N MET B 401 16.78 -20.48 -20.14
CA MET B 401 18.20 -20.30 -20.43
C MET B 401 18.59 -20.99 -21.72
N ALA B 402 18.06 -22.19 -21.96
CA ALA B 402 18.39 -22.89 -23.20
C ALA B 402 17.91 -22.08 -24.40
N LEU B 403 16.70 -21.55 -24.33
CA LEU B 403 16.18 -20.72 -25.41
C LEU B 403 17.00 -19.44 -25.56
N THR B 404 17.40 -18.83 -24.44
CA THR B 404 18.19 -17.61 -24.50
C THR B 404 19.50 -17.82 -25.26
N ARG B 405 20.26 -18.86 -24.91
CA ARG B 405 21.52 -19.09 -25.60
C ARG B 405 21.29 -19.42 -27.07
N GLN B 406 20.19 -20.12 -27.38
CA GLN B 406 19.85 -20.39 -28.78
C GLN B 406 19.65 -19.09 -29.55
N VAL B 407 18.87 -18.16 -28.99
CA VAL B 407 18.65 -16.87 -29.64
C VAL B 407 19.97 -16.11 -29.77
N LEU B 408 20.75 -16.05 -28.69
CA LEU B 408 22.01 -15.32 -28.72
C LEU B 408 22.98 -15.93 -29.72
N ASP B 409 22.99 -17.25 -29.85
CA ASP B 409 23.90 -17.91 -30.79
C ASP B 409 23.59 -17.59 -32.24
N ARG B 410 22.44 -16.96 -32.53
CA ARG B 410 22.13 -16.54 -33.89
C ARG B 410 22.78 -15.20 -34.27
N HIS B 411 23.17 -14.40 -33.29
CA HIS B 411 23.79 -13.09 -33.58
C HIS B 411 25.19 -13.00 -33.00
C1 EDO C . -6.67 5.02 -14.02
O1 EDO C . -7.74 5.02 -14.98
C2 EDO C . -5.38 5.14 -14.80
O2 EDO C . -5.15 6.49 -15.20
C1 EDO D . -20.42 15.10 -0.48
O1 EDO D . -19.29 14.25 -0.24
C2 EDO D . -21.42 14.39 -1.39
O2 EDO D . -22.01 13.31 -0.64
C1 EDO E . -9.61 9.34 13.17
O1 EDO E . -8.35 9.64 12.56
C2 EDO E . -10.73 9.50 12.16
O2 EDO E . -10.73 8.38 11.25
C1 EDO F . -30.54 16.82 6.04
O1 EDO F . -31.20 17.20 4.82
C2 EDO F . -29.44 15.81 5.76
O2 EDO F . -30.01 14.54 5.44
C1 PEG G . -7.53 3.06 -22.33
O1 PEG G . -6.78 2.07 -21.69
C2 PEG G . -7.33 4.44 -21.70
O2 PEG G . -8.14 5.40 -22.34
C3 PEG G . -8.03 5.41 -23.73
C4 PEG G . -9.36 5.84 -24.36
O4 PEG G . -9.25 5.82 -25.76
C2 EJ1 H . -13.36 6.01 3.25
C3 EJ1 H . -12.90 5.55 4.48
C4 EJ1 H . -11.60 5.15 4.63
C5 EJ1 H . -10.79 5.21 3.54
C6 EJ1 H . -11.26 5.67 2.32
CB EJ1 H . -9.74 5.31 8.51
O3 EJ1 H . -13.83 5.55 5.52
O1P EJ1 H . -6.86 3.08 2.96
O2P EJ1 H . -7.59 2.89 5.30
O3P EJ1 H . -8.25 1.13 3.62
O4P EJ1 H . -9.32 3.38 3.53
N EJ1 H . -11.75 4.89 7.07
P EJ1 H . -7.94 2.58 3.88
C2A EJ1 H . -14.82 6.47 3.08
C4A EJ1 H . -11.06 4.73 5.78
C5A EJ1 H . -9.34 4.78 3.64
N1 EJ1 H . -12.53 6.07 2.20
CA EJ1 H . -11.24 5.08 8.23
C EJ1 H . -12.27 5.19 9.34
O EJ1 H . -13.28 5.89 9.07
CG EJ1 H . -9.22 4.70 9.82
CD EJ1 H . -7.96 5.46 10.25
NE EJ1 H . -7.06 5.50 9.12
CZ EJ1 H . -5.66 5.83 9.25
NH1 EJ1 H . -4.84 5.83 8.06
NH2 EJ1 H . -5.14 6.09 10.38
OXT EJ1 H . -12.19 4.65 10.48
C1 EDO I . 4.42 14.86 -3.21
O1 EDO I . 4.34 16.04 -4.05
C2 EDO I . 4.33 15.21 -1.73
O2 EDO I . 5.09 16.38 -1.40
C1 EDO J . 3.06 -25.44 -5.35
O1 EDO J . 3.51 -24.27 -4.67
C2 EDO J . 3.63 -26.67 -4.67
O2 EDO J . 5.06 -26.65 -4.72
C1 EDO K . 8.48 5.83 12.98
O1 EDO K . 9.02 7.14 12.95
C2 EDO K . 9.44 4.83 12.35
O2 EDO K . 10.40 4.53 13.36
C1 EDO L . 25.24 1.46 -2.18
O1 EDO L . 23.83 1.24 -2.18
C2 EDO L . 25.91 0.60 -1.12
O2 EDO L . 25.63 -0.77 -1.38
C1 EDO M . 28.17 -1.75 -12.80
O1 EDO M . 26.79 -1.87 -13.17
C2 EDO M . 28.54 -2.93 -11.92
O2 EDO M . 28.45 -4.15 -12.68
C1 EDO N . 10.04 6.31 19.84
O1 EDO N . 9.77 5.17 20.67
C2 EDO N . 11.26 7.04 20.36
O2 EDO N . 12.37 6.13 20.42
C1 EDO O . 12.17 -1.50 -14.20
O1 EDO O . 11.20 -0.49 -13.87
C2 EDO O . 13.15 -1.68 -13.03
O2 EDO O . 12.47 -2.35 -11.96
C1 PEG P . 32.60 -9.42 -7.08
O1 PEG P . 33.25 -9.50 -5.84
C2 PEG P . 31.77 -8.14 -7.14
O2 PEG P . 32.60 -7.01 -7.20
C3 PEG P . 31.89 -5.82 -7.42
C4 PEG P . 32.76 -4.61 -7.09
O4 PEG P . 33.86 -4.54 -7.97
C2 EJ1 Q . 14.09 -3.09 -3.69
C3 EJ1 Q . 13.37 -3.61 -4.75
C4 EJ1 Q . 12.03 -3.33 -4.89
C5 EJ1 Q . 11.46 -2.54 -3.96
C6 EJ1 Q . 12.19 -2.02 -2.90
CB EJ1 Q . 10.31 -3.35 -8.88
O3 EJ1 Q . 14.06 -4.43 -5.66
O1P EJ1 Q . 7.32 -3.36 -5.26
O2P EJ1 Q . 7.01 -2.08 -3.12
O3P EJ1 Q . 7.13 -4.57 -3.11
O4P EJ1 Q . 9.23 -3.27 -3.54
N EJ1 Q . 11.79 -4.37 -7.13
P EJ1 Q . 7.60 -3.29 -3.78
C2A EJ1 Q . 15.59 -3.41 -3.55
C4A EJ1 Q . 11.26 -3.77 -5.91
C5A EJ1 Q . 9.97 -2.18 -4.03
N1 EJ1 Q . 13.50 -2.28 -2.79
CA EJ1 Q . 11.40 -4.30 -8.35
C EJ1 Q . 12.24 -5.13 -9.30
O EJ1 Q . 13.49 -5.03 -9.14
CG EJ1 Q . 9.31 -4.01 -9.85
CD EJ1 Q . 8.55 -2.90 -10.59
NE EJ1 Q . 7.94 -2.03 -9.59
CZ EJ1 Q . 6.91 -1.08 -9.95
NH1 EJ1 Q . 6.45 -0.98 -11.31
NH2 EJ1 Q . 6.42 -0.36 -9.07
OXT EJ1 Q . 11.79 -5.87 -10.24
#